data_8I6I
#
_entry.id   8I6I
#
_cell.length_a   109.686
_cell.length_b   129.372
_cell.length_c   167.385
_cell.angle_alpha   90.00
_cell.angle_beta   90.00
_cell.angle_gamma   90.00
#
_symmetry.space_group_name_H-M   'C 2 2 21'
#
loop_
_entity.id
_entity.type
_entity.pdbx_description
1 polymer 'Amine oxidase'
2 non-polymer 'FLAVIN-ADENINE DINUCLEOTIDE'
3 water water
#
_entity_poly.entity_id   1
_entity_poly.type   'polypeptide(L)'
_entity_poly.pdbx_seq_one_letter_code
;YDADVIVVGAGPSGSYAAKLLHDRGISVKLVEAKDRVGGRTWSSKTEAQGGPIDFGGQWIGETHVLLPELGEELGLETVS
SIKPGNDIFVFNGQVTVGEEDQAPASASWTAELTRSFELLDEAGARLGWEAPWASPAVEALDGMTVAQWLDENVSSDEVR
MIHEVMVNILNGANTTEVSMAYWAYFVHQGEGIESLIGTRSGAQIAWFVGGMGQVTELIADRLGDNLHLNWPVTSIEQQD
SGVVVSSGDRRLTAKYVILATPPSDASRMIFDQPLPAKRAQLQARAPMGRLAKIQVRYRDAFWQEENLSGAAFVCGDLAF
WVFDGSKPSDSLATIVGFIGGKHLDLWHSFTPEEREARFIDMLVTNIGEKARDTVYYHETDWTEQPWTGGAPVTFMPTGL
LSSSGSALRGSAGRIYFAGTEAAPMWSGYIEGALRAGKIAATDIIARL
;
_entity_poly.pdbx_strand_id   A,C
#
loop_
_chem_comp.id
_chem_comp.type
_chem_comp.name
_chem_comp.formula
FAD non-polymer 'FLAVIN-ADENINE DINUCLEOTIDE' 'C27 H33 N9 O15 P2'
#
# COMPACT_ATOMS: atom_id res chain seq x y z
N TYR A 1 14.88 28.61 15.17
CA TYR A 1 13.73 27.70 14.91
C TYR A 1 12.43 28.48 14.72
N ASP A 2 11.54 27.98 13.89
CA ASP A 2 10.18 28.57 13.75
C ASP A 2 9.32 28.21 14.97
N ALA A 3 9.57 27.05 15.59
CA ALA A 3 8.82 26.58 16.76
C ALA A 3 9.57 25.45 17.44
N ASP A 4 9.21 25.14 18.66
CA ASP A 4 9.78 23.93 19.31
C ASP A 4 9.27 22.70 18.53
N VAL A 5 8.01 22.71 18.11
CA VAL A 5 7.38 21.47 17.55
C VAL A 5 6.60 21.85 16.30
N ILE A 6 6.68 21.00 15.26
CA ILE A 6 5.77 21.08 14.09
C ILE A 6 4.89 19.85 14.17
N VAL A 7 3.58 20.07 14.08
CA VAL A 7 2.62 18.94 14.04
C VAL A 7 2.07 18.90 12.61
N VAL A 8 2.21 17.73 12.00
CA VAL A 8 1.77 17.47 10.61
C VAL A 8 0.44 16.75 10.65
N GLY A 9 -0.60 17.43 10.16
CA GLY A 9 -1.96 16.90 10.06
C GLY A 9 -2.86 17.54 11.10
N ALA A 10 -3.93 18.16 10.67
CA ALA A 10 -4.89 18.82 11.59
C ALA A 10 -6.20 18.05 11.65
N GLY A 11 -6.11 16.72 11.68
CA GLY A 11 -7.23 15.94 12.17
C GLY A 11 -7.30 16.04 13.68
N PRO A 12 -8.15 15.23 14.32
CA PRO A 12 -8.25 15.28 15.77
C PRO A 12 -6.92 15.03 16.47
N SER A 13 -6.09 14.13 15.92
CA SER A 13 -4.88 13.74 16.63
C SER A 13 -3.91 14.91 16.67
N GLY A 14 -3.58 15.47 15.49
CA GLY A 14 -2.70 16.61 15.40
C GLY A 14 -3.25 17.81 16.11
N SER A 15 -4.53 18.09 15.91
CA SER A 15 -5.14 19.27 16.54
C SER A 15 -4.96 19.13 18.04
N TYR A 16 -5.23 17.98 18.60
CA TYR A 16 -5.17 17.78 20.05
C TYR A 16 -3.72 17.90 20.53
N ALA A 17 -2.76 17.30 19.81
CA ALA A 17 -1.34 17.40 20.22
C ALA A 17 -0.93 18.89 20.24
N ALA A 18 -1.31 19.64 19.19
CA ALA A 18 -0.93 21.07 19.09
C ALA A 18 -1.58 21.79 20.28
N LYS A 19 -2.83 21.50 20.60
CA LYS A 19 -3.56 22.17 21.70
C LYS A 19 -2.79 21.92 23.01
N LEU A 20 -2.43 20.68 23.27
CA LEU A 20 -1.75 20.29 24.53
C LEU A 20 -0.42 21.02 24.61
N LEU A 21 0.35 21.08 23.53
CA LEU A 21 1.65 21.78 23.55
C LEU A 21 1.40 23.29 23.79
N HIS A 22 0.47 23.89 23.06
CA HIS A 22 0.19 25.35 23.13
C HIS A 22 -0.24 25.69 24.57
N ASP A 23 -1.04 24.85 25.19
CA ASP A 23 -1.59 25.10 26.56
C ASP A 23 -0.48 25.06 27.61
N ARG A 24 0.61 24.36 27.31
CA ARG A 24 1.79 24.24 28.20
C ARG A 24 2.82 25.31 27.84
N GLY A 25 2.53 26.23 26.93
CA GLY A 25 3.44 27.32 26.58
C GLY A 25 4.52 26.93 25.60
N ILE A 26 4.42 25.76 24.98
CA ILE A 26 5.44 25.30 24.02
C ILE A 26 5.09 25.86 22.65
N SER A 27 6.04 26.44 21.94
CA SER A 27 5.79 27.00 20.60
C SER A 27 5.56 25.83 19.64
N VAL A 28 4.48 25.93 18.91
CA VAL A 28 4.04 24.83 18.00
C VAL A 28 3.46 25.42 16.73
N LYS A 29 3.74 24.80 15.58
CA LYS A 29 3.04 25.11 14.31
C LYS A 29 2.32 23.83 13.92
N LEU A 30 1.10 23.98 13.47
CA LEU A 30 0.25 22.88 12.95
C LEU A 30 0.09 23.09 11.45
N VAL A 31 0.50 22.10 10.65
CA VAL A 31 0.45 22.26 9.18
C VAL A 31 -0.48 21.18 8.64
N GLU A 32 -1.33 21.59 7.73
CA GLU A 32 -2.40 20.73 7.17
C GLU A 32 -2.44 20.89 5.65
N ALA A 33 -2.52 19.74 4.96
CA ALA A 33 -2.49 19.72 3.49
C ALA A 33 -3.77 20.33 2.90
N LYS A 34 -4.93 20.02 3.46
CA LYS A 34 -6.26 20.42 2.92
C LYS A 34 -6.53 21.91 3.15
N ASP A 35 -7.65 22.35 2.58
CA ASP A 35 -8.12 23.74 2.79
C ASP A 35 -8.95 23.84 4.06
N ARG A 36 -8.98 22.82 4.89
CA ARG A 36 -9.77 22.78 6.13
C ARG A 36 -9.04 21.87 7.12
N VAL A 37 -9.38 22.00 8.40
CA VAL A 37 -9.00 21.07 9.49
C VAL A 37 -10.07 19.97 9.57
N GLY A 38 -9.73 18.93 10.32
CA GLY A 38 -10.65 17.86 10.70
C GLY A 38 -10.25 16.49 10.16
N GLY A 39 -9.68 16.41 8.97
CA GLY A 39 -9.27 15.11 8.44
C GLY A 39 -10.48 14.24 8.14
N ARG A 40 -10.58 13.08 8.76
CA ARG A 40 -11.71 12.17 8.60
C ARG A 40 -12.91 12.62 9.43
N THR A 41 -12.77 13.69 10.22
CA THR A 41 -13.94 14.40 10.78
C THR A 41 -14.21 15.64 9.93
N TRP A 42 -15.47 15.96 9.70
CA TRP A 42 -15.85 17.00 8.73
C TRP A 42 -17.34 17.25 8.90
N SER A 43 -17.70 18.46 9.25
CA SER A 43 -19.14 18.78 9.44
C SER A 43 -19.43 20.20 8.97
N SER A 44 -20.72 20.43 8.78
CA SER A 44 -21.24 21.78 8.42
C SER A 44 -22.52 22.02 9.19
N LYS A 45 -22.63 23.21 9.81
CA LYS A 45 -23.89 23.64 10.46
C LYS A 45 -24.94 24.06 9.43
N THR A 46 -24.54 24.46 8.22
CA THR A 46 -25.41 25.23 7.29
C THR A 46 -25.57 24.58 5.92
N GLU A 47 -24.72 23.64 5.51
CA GLU A 47 -24.74 23.17 4.11
C GLU A 47 -25.98 22.32 3.85
N ALA A 48 -26.52 21.60 4.83
CA ALA A 48 -27.65 20.68 4.57
C ALA A 48 -28.95 21.25 5.16
N GLN A 49 -30.04 21.23 4.41
CA GLN A 49 -31.37 21.53 4.99
C GLN A 49 -31.61 20.57 6.19
N GLY A 50 -32.13 21.11 7.29
CA GLY A 50 -32.64 20.34 8.43
C GLY A 50 -31.70 20.31 9.62
N GLY A 51 -30.53 20.93 9.52
CA GLY A 51 -29.60 21.04 10.65
C GLY A 51 -28.18 20.62 10.31
N PRO A 52 -27.27 20.75 11.27
CA PRO A 52 -25.87 20.36 11.08
C PRO A 52 -25.81 18.92 10.57
N ILE A 53 -24.76 18.69 9.79
CA ILE A 53 -24.51 17.35 9.22
C ILE A 53 -23.01 17.06 9.34
N ASP A 54 -22.73 15.78 9.64
CA ASP A 54 -21.35 15.26 9.72
C ASP A 54 -21.06 14.40 8.47
N PHE A 55 -20.18 14.90 7.65
CA PHE A 55 -19.71 14.14 6.47
C PHE A 55 -18.72 13.05 6.88
N GLY A 56 -17.96 13.26 7.94
CA GLY A 56 -17.02 12.26 8.45
C GLY A 56 -17.52 11.71 9.77
N GLY A 57 -16.59 11.25 10.58
CA GLY A 57 -16.94 10.48 11.76
C GLY A 57 -17.70 11.29 12.79
N GLN A 58 -18.67 10.69 13.46
CA GLN A 58 -19.54 11.48 14.36
C GLN A 58 -19.88 10.81 15.70
N TRP A 59 -19.77 9.49 15.83
CA TRP A 59 -20.22 8.85 17.08
C TRP A 59 -19.12 8.85 18.13
N ILE A 60 -19.55 9.07 19.37
CA ILE A 60 -18.79 8.99 20.64
C ILE A 60 -19.23 7.71 21.35
N GLY A 61 -18.25 6.96 21.84
CA GLY A 61 -18.40 5.67 22.53
C GLY A 61 -18.66 5.80 24.04
N GLU A 62 -19.28 4.79 24.63
CA GLU A 62 -19.62 4.84 26.08
C GLU A 62 -18.36 4.82 26.94
N THR A 63 -17.24 4.29 26.48
CA THR A 63 -16.03 4.18 27.33
C THR A 63 -15.03 5.29 26.99
N HIS A 64 -15.32 6.10 25.98
CA HIS A 64 -14.35 7.12 25.54
C HIS A 64 -14.22 8.19 26.62
N VAL A 65 -13.00 8.57 26.95
CA VAL A 65 -12.72 9.54 28.05
C VAL A 65 -12.20 10.87 27.50
N LEU A 66 -11.17 10.83 26.67
CA LEU A 66 -10.54 12.08 26.18
C LEU A 66 -11.54 12.87 25.32
N LEU A 67 -12.34 12.19 24.51
CA LEU A 67 -13.19 12.88 23.53
C LEU A 67 -14.31 13.62 24.27
N PRO A 68 -15.08 13.01 25.20
CA PRO A 68 -16.07 13.80 25.90
C PRO A 68 -15.41 14.89 26.75
N GLU A 69 -14.24 14.67 27.31
CA GLU A 69 -13.57 15.68 28.16
C GLU A 69 -13.26 16.87 27.26
N LEU A 70 -12.73 16.63 26.07
CA LEU A 70 -12.32 17.72 25.17
C LEU A 70 -13.58 18.47 24.70
N GLY A 71 -14.64 17.77 24.33
CA GLY A 71 -15.87 18.43 23.90
C GLY A 71 -16.33 19.35 25.01
N GLU A 72 -16.26 18.89 26.24
CA GLU A 72 -16.74 19.71 27.38
C GLU A 72 -15.85 20.96 27.48
N GLU A 73 -14.55 20.80 27.34
CA GLU A 73 -13.59 21.93 27.46
C GLU A 73 -13.87 22.95 26.36
N LEU A 74 -14.31 22.52 25.18
CA LEU A 74 -14.49 23.41 24.02
C LEU A 74 -15.92 23.99 24.01
N GLY A 75 -16.77 23.60 24.96
CA GLY A 75 -18.13 24.12 25.19
C GLY A 75 -19.16 23.43 24.33
N LEU A 76 -18.89 22.20 23.85
CA LEU A 76 -19.89 21.45 23.05
C LEU A 76 -20.84 20.70 23.97
N GLU A 77 -22.06 20.54 23.49
CA GLU A 77 -23.16 19.78 24.09
C GLU A 77 -23.15 18.37 23.44
N THR A 78 -23.31 17.34 24.23
CA THR A 78 -23.56 15.97 23.74
C THR A 78 -25.05 15.68 23.79
N VAL A 79 -25.48 14.82 22.89
CA VAL A 79 -26.85 14.26 22.94
C VAL A 79 -26.76 12.77 22.66
N SER A 80 -27.63 11.99 23.25
CA SER A 80 -27.64 10.54 23.08
C SER A 80 -28.02 10.22 21.64
N SER A 81 -27.35 9.20 21.08
CA SER A 81 -27.71 8.59 19.77
C SER A 81 -28.69 7.42 19.93
N ILE A 82 -29.06 7.07 21.16
CA ILE A 82 -29.84 5.84 21.41
C ILE A 82 -31.27 6.02 20.89
N LYS A 83 -31.74 5.06 20.12
CA LYS A 83 -33.09 5.08 19.57
C LYS A 83 -33.88 3.90 20.11
N PRO A 84 -35.14 4.08 20.48
CA PRO A 84 -35.97 2.96 20.89
C PRO A 84 -36.46 2.23 19.63
N GLY A 85 -36.95 1.02 19.80
CA GLY A 85 -37.53 0.25 18.69
C GLY A 85 -36.64 -0.89 18.26
N ASN A 86 -37.13 -1.68 17.31
CA ASN A 86 -36.42 -2.90 16.82
C ASN A 86 -35.43 -2.51 15.71
N ASP A 87 -34.21 -2.95 15.89
CA ASP A 87 -33.25 -3.05 14.79
C ASP A 87 -33.70 -4.16 13.86
N ILE A 88 -33.17 -4.18 12.64
CA ILE A 88 -33.49 -5.26 11.70
C ILE A 88 -32.20 -5.84 11.10
N PHE A 89 -32.35 -7.01 10.51
CA PHE A 89 -31.32 -7.77 9.80
C PHE A 89 -31.89 -8.10 8.47
N VAL A 90 -31.20 -7.73 7.40
CA VAL A 90 -31.75 -7.95 6.04
C VAL A 90 -30.77 -8.85 5.30
N PHE A 91 -31.24 -9.97 4.76
CA PHE A 91 -30.38 -10.91 3.99
C PHE A 91 -30.85 -10.97 2.56
N ASN A 92 -30.13 -10.41 1.60
CA ASN A 92 -30.55 -10.41 0.17
C ASN A 92 -32.01 -9.94 0.06
N GLY A 93 -32.39 -8.90 0.78
CA GLY A 93 -33.70 -8.24 0.60
C GLY A 93 -34.78 -8.77 1.52
N GLN A 94 -34.48 -9.80 2.32
CA GLN A 94 -35.47 -10.45 3.23
C GLN A 94 -35.20 -9.95 4.62
N VAL A 95 -36.23 -9.39 5.25
CA VAL A 95 -36.12 -8.75 6.59
C VAL A 95 -36.38 -9.73 7.70
N THR A 96 -35.49 -9.74 8.68
CA THR A 96 -35.73 -10.37 9.99
C THR A 96 -35.74 -9.24 11.03
N VAL A 97 -36.82 -9.13 11.77
CA VAL A 97 -36.99 -8.05 12.77
C VAL A 97 -36.28 -8.49 14.05
N GLY A 98 -35.46 -7.62 14.62
CA GLY A 98 -34.80 -7.88 15.90
C GLY A 98 -35.72 -7.65 17.07
N GLU A 99 -35.20 -7.95 18.25
CA GLU A 99 -35.86 -7.65 19.54
C GLU A 99 -35.03 -6.55 20.20
N GLU A 100 -35.49 -5.31 20.07
CA GLU A 100 -34.64 -4.11 20.33
C GLU A 100 -33.37 -4.28 19.50
N ASP A 101 -32.20 -4.25 20.12
CA ASP A 101 -30.89 -4.31 19.44
C ASP A 101 -30.37 -5.76 19.38
N GLN A 102 -31.21 -6.77 19.57
CA GLN A 102 -30.76 -8.19 19.64
C GLN A 102 -31.28 -8.95 18.41
N ALA A 103 -30.48 -9.88 17.90
CA ALA A 103 -30.93 -10.92 16.95
C ALA A 103 -32.01 -11.71 17.68
N PRO A 104 -33.14 -12.02 17.03
CA PRO A 104 -34.25 -12.70 17.70
C PRO A 104 -33.88 -14.14 18.05
N ALA A 105 -34.19 -14.57 19.27
CA ALA A 105 -33.91 -15.94 19.74
C ALA A 105 -34.51 -16.98 18.79
N SER A 106 -35.62 -16.66 18.11
CA SER A 106 -36.34 -17.63 17.24
C SER A 106 -35.59 -17.88 15.92
N ALA A 107 -34.63 -17.02 15.52
CA ALA A 107 -33.97 -17.15 14.21
C ALA A 107 -32.96 -18.30 14.28
N SER A 108 -32.80 -19.05 13.19
CA SER A 108 -32.01 -20.31 13.15
C SER A 108 -30.52 -19.98 13.35
N TRP A 109 -30.13 -18.75 13.10
CA TRP A 109 -28.70 -18.31 13.03
C TRP A 109 -28.27 -17.53 14.28
N THR A 110 -29.15 -17.17 15.18
CA THR A 110 -28.80 -16.34 16.34
C THR A 110 -27.79 -17.01 17.28
N ALA A 111 -27.95 -18.29 17.61
CA ALA A 111 -27.00 -18.95 18.52
C ALA A 111 -25.62 -18.97 17.85
N GLU A 112 -25.55 -19.29 16.56
CA GLU A 112 -24.26 -19.32 15.83
C GLU A 112 -23.66 -17.91 15.82
N LEU A 113 -24.49 -16.87 15.68
CA LEU A 113 -23.86 -15.51 15.68
C LEU A 113 -23.15 -15.28 17.01
N THR A 114 -23.78 -15.57 18.16
CA THR A 114 -23.17 -15.39 19.48
C THR A 114 -21.92 -16.24 19.56
N ARG A 115 -21.95 -17.49 19.12
CA ARG A 115 -20.73 -18.34 19.19
C ARG A 115 -19.62 -17.67 18.38
N SER A 116 -19.94 -17.17 17.20
CA SER A 116 -18.91 -16.60 16.28
C SER A 116 -18.27 -15.37 16.91
N PHE A 117 -19.03 -14.57 17.62
CA PHE A 117 -18.49 -13.39 18.34
C PHE A 117 -17.53 -13.85 19.44
N GLU A 118 -17.87 -14.91 20.17
CA GLU A 118 -16.95 -15.45 21.20
C GLU A 118 -15.69 -15.97 20.52
N LEU A 119 -15.76 -16.63 19.37
CA LEU A 119 -14.51 -17.11 18.71
C LEU A 119 -13.66 -15.94 18.26
N LEU A 120 -14.33 -14.90 17.72
CA LEU A 120 -13.56 -13.72 17.28
C LEU A 120 -12.88 -13.01 18.45
N ASP A 121 -13.60 -12.83 19.53
CA ASP A 121 -13.07 -12.16 20.72
C ASP A 121 -11.92 -13.02 21.28
N GLU A 122 -12.05 -14.34 21.29
CA GLU A 122 -10.96 -15.20 21.81
C GLU A 122 -9.75 -15.11 20.91
N ALA A 123 -9.89 -15.00 19.60
CA ALA A 123 -8.71 -14.87 18.72
C ALA A 123 -8.01 -13.54 19.07
N GLY A 124 -8.78 -12.46 19.23
CA GLY A 124 -8.14 -11.16 19.53
C GLY A 124 -7.43 -11.15 20.86
N ALA A 125 -7.97 -11.84 21.87
CA ALA A 125 -7.38 -11.82 23.21
C ALA A 125 -6.04 -12.58 23.16
N ARG A 126 -5.87 -13.52 22.24
CA ARG A 126 -4.57 -14.22 22.12
C ARG A 126 -3.49 -13.23 21.64
N LEU A 127 -3.90 -12.19 20.91
CA LEU A 127 -2.92 -11.20 20.40
C LEU A 127 -2.75 -10.08 21.40
N GLY A 128 -3.85 -9.57 21.94
CA GLY A 128 -3.81 -8.43 22.84
C GLY A 128 -3.63 -7.09 22.13
N TRP A 129 -3.78 -5.98 22.86
CA TRP A 129 -3.60 -4.61 22.34
C TRP A 129 -2.18 -4.10 22.57
N GLU A 130 -1.47 -4.60 23.58
CA GLU A 130 -0.20 -3.98 24.00
C GLU A 130 0.88 -4.27 22.97
N ALA A 131 1.01 -5.51 22.51
CA ALA A 131 2.10 -5.89 21.61
C ALA A 131 1.69 -7.07 20.77
N PRO A 132 0.66 -6.92 19.92
CA PRO A 132 0.16 -8.07 19.15
C PRO A 132 1.21 -8.66 18.21
N TRP A 133 2.12 -7.82 17.74
CA TRP A 133 3.23 -8.26 16.85
C TRP A 133 4.18 -9.20 17.57
N ALA A 134 4.13 -9.28 18.90
CA ALA A 134 5.01 -10.14 19.72
C ALA A 134 4.27 -11.36 20.25
N SER A 135 2.97 -11.50 19.96
CA SER A 135 2.18 -12.63 20.47
C SER A 135 2.67 -13.92 19.82
N PRO A 136 2.68 -15.04 20.57
CA PRO A 136 2.97 -16.32 19.95
C PRO A 136 1.91 -16.75 18.90
N ALA A 137 0.73 -16.15 18.95
CA ALA A 137 -0.38 -16.53 18.05
C ALA A 137 -0.35 -15.73 16.75
N VAL A 138 0.51 -14.71 16.65
CA VAL A 138 0.31 -13.69 15.57
C VAL A 138 0.74 -14.21 14.20
N GLU A 139 1.80 -14.96 14.06
CA GLU A 139 2.32 -15.35 12.73
C GLU A 139 1.25 -16.18 12.00
N ALA A 140 0.64 -17.15 12.66
CA ALA A 140 -0.39 -17.99 12.01
C ALA A 140 -1.61 -17.17 11.61
N LEU A 141 -2.14 -16.32 12.48
CA LEU A 141 -3.34 -15.50 12.13
C LEU A 141 -2.96 -14.46 11.05
N ASP A 142 -1.73 -14.01 11.06
CA ASP A 142 -1.30 -12.95 10.12
C ASP A 142 -1.02 -13.51 8.73
N GLY A 143 -1.00 -14.81 8.57
CA GLY A 143 -0.79 -15.44 7.27
C GLY A 143 -2.08 -15.84 6.61
N MET A 144 -3.22 -15.53 7.21
CA MET A 144 -4.52 -15.89 6.61
C MET A 144 -5.43 -14.68 6.63
N THR A 145 -6.43 -14.71 5.78
CA THR A 145 -7.41 -13.63 5.61
C THR A 145 -8.58 -13.86 6.56
N VAL A 146 -9.37 -12.79 6.77
CA VAL A 146 -10.62 -12.96 7.52
C VAL A 146 -11.55 -13.94 6.79
N ALA A 147 -11.57 -13.90 5.47
CA ALA A 147 -12.45 -14.79 4.69
C ALA A 147 -12.08 -16.24 5.01
N GLN A 148 -10.78 -16.55 5.12
CA GLN A 148 -10.34 -17.94 5.38
C GLN A 148 -10.70 -18.29 6.81
N TRP A 149 -10.59 -17.36 7.73
CA TRP A 149 -10.99 -17.63 9.15
C TRP A 149 -12.50 -17.92 9.16
N LEU A 150 -13.28 -17.13 8.46
CA LEU A 150 -14.73 -17.40 8.41
C LEU A 150 -14.98 -18.80 7.83
N ASP A 151 -14.32 -19.19 6.78
CA ASP A 151 -14.51 -20.55 6.17
C ASP A 151 -14.27 -21.62 7.24
N GLU A 152 -13.32 -21.42 8.13
CA GLU A 152 -12.96 -22.40 9.19
C GLU A 152 -13.89 -22.33 10.42
N ASN A 153 -14.47 -21.18 10.71
CA ASN A 153 -15.09 -20.93 12.04
C ASN A 153 -16.61 -20.76 11.96
N VAL A 154 -17.14 -20.42 10.79
CA VAL A 154 -18.57 -20.05 10.63
C VAL A 154 -19.19 -20.95 9.59
N SER A 155 -20.36 -21.48 9.94
CA SER A 155 -21.18 -22.34 9.06
C SER A 155 -22.28 -21.55 8.36
N SER A 156 -23.16 -20.86 9.09
CA SER A 156 -24.40 -20.36 8.43
C SER A 156 -24.11 -19.17 7.50
N ASP A 157 -24.88 -19.08 6.43
CA ASP A 157 -24.83 -18.00 5.42
C ASP A 157 -25.09 -16.67 6.12
N GLU A 158 -26.05 -16.62 7.04
CA GLU A 158 -26.46 -15.34 7.66
C GLU A 158 -25.29 -14.85 8.52
N VAL A 159 -24.75 -15.73 9.35
CA VAL A 159 -23.62 -15.34 10.21
C VAL A 159 -22.45 -14.86 9.35
N ARG A 160 -22.08 -15.57 8.31
CA ARG A 160 -20.96 -15.18 7.40
C ARG A 160 -21.29 -13.78 6.82
N MET A 161 -22.55 -13.55 6.39
CA MET A 161 -22.92 -12.26 5.75
C MET A 161 -22.81 -11.13 6.79
N ILE A 162 -23.15 -11.37 8.06
CA ILE A 162 -23.02 -10.32 9.11
C ILE A 162 -21.54 -10.00 9.30
N HIS A 163 -20.69 -11.01 9.39
CA HIS A 163 -19.23 -10.74 9.53
C HIS A 163 -18.73 -10.00 8.30
N GLU A 164 -19.23 -10.31 7.12
CA GLU A 164 -18.74 -9.63 5.91
C GLU A 164 -19.15 -8.16 5.93
N VAL A 165 -20.35 -7.84 6.34
CA VAL A 165 -20.71 -6.39 6.40
C VAL A 165 -19.87 -5.72 7.47
N MET A 166 -19.62 -6.37 8.60
CA MET A 166 -18.82 -5.74 9.69
C MET A 166 -17.39 -5.42 9.20
N VAL A 167 -16.73 -6.31 8.48
CA VAL A 167 -15.34 -6.07 8.06
C VAL A 167 -15.34 -4.98 6.98
N ASN A 168 -16.26 -5.11 6.00
CA ASN A 168 -16.36 -4.16 4.86
C ASN A 168 -16.67 -2.74 5.31
N ILE A 169 -17.30 -2.59 6.46
CA ILE A 169 -17.59 -1.24 7.03
C ILE A 169 -16.55 -0.85 8.06
N LEU A 170 -16.30 -1.69 9.06
CA LEU A 170 -15.39 -1.29 10.16
C LEU A 170 -13.93 -1.23 9.73
N ASN A 171 -13.48 -1.98 8.71
CA ASN A 171 -12.13 -1.83 8.15
C ASN A 171 -12.21 -1.29 6.73
N GLY A 172 -13.41 -1.06 6.15
CA GLY A 172 -13.53 -0.55 4.79
C GLY A 172 -12.93 -1.48 3.76
N ALA A 173 -12.88 -2.78 4.01
CA ALA A 173 -12.13 -3.68 3.13
C ALA A 173 -12.79 -5.07 3.10
N ASN A 174 -12.59 -5.82 2.03
CA ASN A 174 -13.14 -7.16 1.80
C ASN A 174 -12.50 -8.09 2.84
N THR A 175 -13.20 -9.11 3.25
CA THR A 175 -12.67 -10.18 4.14
C THR A 175 -11.51 -10.92 3.45
N THR A 176 -11.45 -10.92 2.11
CA THR A 176 -10.32 -11.59 1.39
C THR A 176 -9.09 -10.70 1.36
N GLU A 177 -9.21 -9.45 1.81
CA GLU A 177 -8.11 -8.45 1.73
C GLU A 177 -7.41 -8.23 3.07
N VAL A 178 -8.09 -8.47 4.18
CA VAL A 178 -7.62 -8.07 5.51
C VAL A 178 -7.03 -9.29 6.21
N SER A 179 -5.85 -9.15 6.78
CA SER A 179 -5.24 -10.18 7.63
C SER A 179 -6.18 -10.51 8.80
N MET A 180 -6.35 -11.80 9.08
CA MET A 180 -7.14 -12.14 10.26
C MET A 180 -6.44 -11.65 11.52
N ALA A 181 -5.11 -11.65 11.62
CA ALA A 181 -4.43 -11.09 12.80
C ALA A 181 -4.82 -9.62 12.97
N TYR A 182 -4.78 -8.87 11.88
CA TYR A 182 -5.07 -7.42 11.96
C TYR A 182 -6.50 -7.25 12.49
N TRP A 183 -7.45 -7.93 11.86
CA TRP A 183 -8.88 -7.82 12.21
C TRP A 183 -9.09 -8.21 13.68
N ALA A 184 -8.51 -9.33 14.09
CA ALA A 184 -8.70 -9.82 15.46
C ALA A 184 -8.15 -8.78 16.45
N TYR A 185 -6.95 -8.27 16.18
CA TYR A 185 -6.30 -7.23 16.98
C TYR A 185 -7.18 -5.99 17.03
N PHE A 186 -7.62 -5.55 15.85
CA PHE A 186 -8.40 -4.29 15.70
C PHE A 186 -9.64 -4.36 16.59
N VAL A 187 -10.34 -5.45 16.56
CA VAL A 187 -11.61 -5.66 17.30
C VAL A 187 -11.31 -5.74 18.80
N HIS A 188 -10.26 -6.46 19.19
CA HIS A 188 -9.89 -6.55 20.62
C HIS A 188 -9.59 -5.17 21.19
N GLN A 189 -8.81 -4.38 20.48
CA GLN A 189 -8.32 -3.09 20.98
C GLN A 189 -9.45 -2.04 20.88
N GLY A 190 -10.59 -2.38 20.32
CA GLY A 190 -11.85 -1.60 20.40
C GLY A 190 -12.80 -2.12 21.46
N GLU A 191 -12.30 -3.00 22.35
CA GLU A 191 -13.05 -3.58 23.51
C GLU A 191 -14.01 -4.67 23.03
N GLY A 192 -13.74 -5.28 21.88
CA GLY A 192 -14.45 -6.47 21.42
C GLY A 192 -15.58 -6.19 20.44
N ILE A 193 -16.08 -7.24 19.81
CA ILE A 193 -16.95 -7.05 18.64
C ILE A 193 -18.25 -6.40 19.11
N GLU A 194 -18.84 -6.81 20.22
CA GLU A 194 -20.14 -6.24 20.61
C GLU A 194 -19.98 -4.73 20.85
N SER A 195 -18.85 -4.28 21.37
CA SER A 195 -18.52 -2.84 21.52
C SER A 195 -18.55 -2.15 20.15
N LEU A 196 -17.89 -2.70 19.14
CA LEU A 196 -17.79 -1.96 17.87
C LEU A 196 -19.07 -2.02 17.05
N ILE A 197 -19.92 -3.02 17.23
CA ILE A 197 -21.16 -3.12 16.40
C ILE A 197 -22.38 -2.66 17.19
N GLY A 198 -22.20 -2.07 18.35
CA GLY A 198 -23.34 -1.53 19.11
C GLY A 198 -24.15 -0.56 18.25
N THR A 199 -25.48 -0.64 18.28
CA THR A 199 -26.34 0.37 17.61
C THR A 199 -26.82 1.40 18.63
N ARG A 200 -26.80 1.06 19.92
CA ARG A 200 -27.29 1.92 21.02
C ARG A 200 -26.45 1.64 22.27
N SER A 201 -25.21 1.20 22.07
CA SER A 201 -24.28 0.83 23.16
C SER A 201 -22.86 0.82 22.57
N GLY A 202 -21.86 0.65 23.43
CA GLY A 202 -20.46 0.49 23.01
C GLY A 202 -20.01 1.72 22.28
N ALA A 203 -19.48 1.58 21.09
CA ALA A 203 -18.79 2.68 20.41
C ALA A 203 -19.83 3.69 19.91
N GLN A 204 -21.11 3.34 19.84
CA GLN A 204 -22.11 4.22 19.18
C GLN A 204 -23.13 4.70 20.23
N ILE A 205 -22.84 5.71 21.05
CA ILE A 205 -23.89 6.13 22.04
C ILE A 205 -24.18 7.62 22.05
N ALA A 206 -23.35 8.49 21.46
CA ALA A 206 -23.60 9.93 21.58
C ALA A 206 -23.01 10.69 20.42
N TRP A 207 -23.45 11.93 20.28
CA TRP A 207 -23.00 12.87 19.23
C TRP A 207 -22.74 14.23 19.86
N PHE A 208 -22.01 15.08 19.17
CA PHE A 208 -21.91 16.51 19.55
C PHE A 208 -22.94 17.27 18.71
N VAL A 209 -23.80 18.01 19.40
CA VAL A 209 -24.71 18.99 18.73
C VAL A 209 -23.84 19.99 17.98
N GLY A 210 -24.15 20.20 16.71
CA GLY A 210 -23.42 21.15 15.86
C GLY A 210 -22.41 20.49 14.95
N GLY A 211 -22.05 19.23 15.27
CA GLY A 211 -21.10 18.47 14.44
C GLY A 211 -19.73 18.20 15.07
N MET A 212 -19.16 17.04 14.77
CA MET A 212 -17.83 16.65 15.30
C MET A 212 -16.74 17.52 14.70
N GLY A 213 -16.92 18.13 13.53
CA GLY A 213 -15.93 19.03 12.97
C GLY A 213 -15.62 20.24 13.87
N GLN A 214 -16.55 20.56 14.76
CA GLN A 214 -16.32 21.69 15.70
C GLN A 214 -15.10 21.42 16.57
N VAL A 215 -14.76 20.18 16.87
CA VAL A 215 -13.59 19.92 17.76
C VAL A 215 -12.36 20.51 17.13
N THR A 216 -12.02 20.18 15.89
CA THR A 216 -10.81 20.70 15.26
C THR A 216 -10.98 22.17 14.89
N GLU A 217 -12.18 22.59 14.52
CA GLU A 217 -12.40 24.01 14.14
C GLU A 217 -12.17 24.92 15.35
N LEU A 218 -12.62 24.50 16.50
CA LEU A 218 -12.47 25.36 17.72
C LEU A 218 -11.00 25.34 18.14
N ILE A 219 -10.28 24.23 17.98
CA ILE A 219 -8.83 24.21 18.28
C ILE A 219 -8.12 25.13 17.29
N ALA A 220 -8.50 25.10 16.02
CA ALA A 220 -7.92 25.95 14.99
C ALA A 220 -8.08 27.42 15.44
N ASP A 221 -9.28 27.78 15.85
CA ASP A 221 -9.51 29.19 16.29
C ASP A 221 -8.50 29.52 17.38
N ARG A 222 -8.33 28.67 18.40
CA ARG A 222 -7.39 28.93 19.52
C ARG A 222 -5.96 29.06 19.01
N LEU A 223 -5.56 28.27 18.00
CA LEU A 223 -4.17 28.30 17.51
C LEU A 223 -3.88 29.51 16.64
N GLY A 224 -4.91 30.13 16.06
CA GLY A 224 -4.66 31.33 15.24
C GLY A 224 -3.71 31.03 14.11
N ASP A 225 -2.76 31.90 13.87
CA ASP A 225 -1.80 31.78 12.74
C ASP A 225 -0.73 30.72 13.02
N ASN A 226 -0.80 29.97 14.12
CA ASN A 226 0.12 28.84 14.34
C ASN A 226 -0.37 27.70 13.39
N LEU A 227 -1.60 27.78 12.91
CA LEU A 227 -2.15 26.80 11.92
C LEU A 227 -1.85 27.29 10.52
N HIS A 228 -1.28 26.43 9.67
CA HIS A 228 -1.15 26.70 8.21
C HIS A 228 -2.03 25.70 7.44
N LEU A 229 -3.01 26.14 6.69
CA LEU A 229 -3.83 25.31 5.79
C LEU A 229 -3.15 25.28 4.42
N ASN A 230 -3.61 24.42 3.52
CA ASN A 230 -3.00 24.36 2.17
C ASN A 230 -1.48 24.26 2.27
N TRP A 231 -0.99 23.38 3.16
CA TRP A 231 0.43 23.25 3.52
C TRP A 231 0.79 21.77 3.52
N PRO A 232 0.69 21.14 2.35
CA PRO A 232 1.00 19.70 2.30
C PRO A 232 2.48 19.47 2.48
N VAL A 233 2.80 18.63 3.45
CA VAL A 233 4.23 18.33 3.71
C VAL A 233 4.72 17.39 2.63
N THR A 234 5.82 17.77 1.99
CA THR A 234 6.45 17.00 0.90
C THR A 234 7.74 16.35 1.39
N SER A 235 8.45 16.91 2.35
CA SER A 235 9.69 16.28 2.88
C SER A 235 9.94 16.70 4.30
N ILE A 236 10.57 15.79 5.00
CA ILE A 236 11.03 15.98 6.40
C ILE A 236 12.49 15.58 6.47
N GLU A 237 13.36 16.50 6.88
CA GLU A 237 14.82 16.29 7.03
C GLU A 237 15.16 16.32 8.52
N GLN A 238 15.72 15.26 9.07
CA GLN A 238 16.22 15.19 10.46
C GLN A 238 17.68 15.65 10.49
N GLN A 239 18.03 16.52 11.40
CA GLN A 239 19.44 16.98 11.62
C GLN A 239 19.80 16.67 13.07
N ASP A 240 21.05 16.95 13.42
CA ASP A 240 21.62 16.74 14.77
C ASP A 240 20.72 17.43 15.79
N SER A 241 20.36 18.68 15.54
CA SER A 241 19.67 19.52 16.54
C SER A 241 18.25 19.90 16.09
N GLY A 242 17.66 19.24 15.10
CA GLY A 242 16.27 19.59 14.82
C GLY A 242 15.76 18.94 13.57
N VAL A 243 14.63 19.46 13.07
CA VAL A 243 14.00 18.93 11.85
C VAL A 243 13.60 20.07 10.94
N VAL A 244 13.64 19.81 9.64
CA VAL A 244 13.19 20.78 8.62
C VAL A 244 12.00 20.13 7.93
N VAL A 245 10.85 20.77 8.01
CA VAL A 245 9.59 20.30 7.38
C VAL A 245 9.30 21.19 6.19
N SER A 246 9.17 20.63 5.02
CA SER A 246 9.01 21.37 3.75
C SER A 246 7.66 21.11 3.09
N SER A 247 7.15 22.10 2.38
CA SER A 247 5.96 22.04 1.49
C SER A 247 6.35 22.67 0.18
N GLY A 248 6.85 21.88 -0.76
CA GLY A 248 7.64 22.41 -1.89
C GLY A 248 8.87 23.18 -1.42
N ASP A 249 8.95 24.46 -1.81
CA ASP A 249 10.04 25.40 -1.44
C ASP A 249 9.84 25.99 -0.05
N ARG A 250 8.64 25.89 0.53
CA ARG A 250 8.34 26.51 1.84
C ARG A 250 8.87 25.64 2.99
N ARG A 251 9.50 26.22 4.00
CA ARG A 251 10.25 25.47 5.04
C ARG A 251 9.86 25.99 6.41
N LEU A 252 9.67 25.08 7.35
CA LEU A 252 9.57 25.38 8.81
C LEU A 252 10.60 24.49 9.53
N THR A 253 11.26 25.01 10.55
CA THR A 253 12.29 24.31 11.35
C THR A 253 11.76 24.22 12.78
N ALA A 254 12.02 23.11 13.43
CA ALA A 254 11.64 22.89 14.83
C ALA A 254 12.63 21.93 15.45
N LYS A 255 12.45 21.68 16.73
CA LYS A 255 13.24 20.67 17.46
C LYS A 255 12.65 19.29 17.24
N TYR A 256 11.33 19.19 17.10
CA TYR A 256 10.61 17.88 17.06
C TYR A 256 9.46 18.00 16.08
N VAL A 257 9.06 16.86 15.51
CA VAL A 257 7.89 16.79 14.62
C VAL A 257 6.98 15.69 15.15
N ILE A 258 5.70 15.98 15.18
CA ILE A 258 4.63 14.98 15.40
C ILE A 258 4.00 14.69 14.04
N LEU A 259 4.06 13.45 13.58
CA LEU A 259 3.40 13.01 12.36
C LEU A 259 2.02 12.50 12.76
N ALA A 260 0.97 13.29 12.52
CA ALA A 260 -0.39 12.98 12.98
C ALA A 260 -1.22 12.67 11.75
N THR A 261 -0.73 11.71 10.96
CA THR A 261 -1.38 11.23 9.71
C THR A 261 -1.37 9.71 9.72
N PRO A 262 -2.25 9.08 8.94
CA PRO A 262 -2.22 7.64 8.77
C PRO A 262 -0.88 7.26 8.18
N PRO A 263 -0.42 6.03 8.45
CA PRO A 263 0.83 5.56 7.84
C PRO A 263 0.83 5.75 6.32
N SER A 264 -0.27 5.42 5.63
CA SER A 264 -0.31 5.48 4.17
C SER A 264 -0.08 6.93 3.72
N ASP A 265 -0.63 7.87 4.40
CA ASP A 265 -0.46 9.30 4.00
C ASP A 265 0.96 9.78 4.36
N ALA A 266 1.61 9.24 5.40
CA ALA A 266 3.00 9.55 5.73
C ALA A 266 3.91 9.03 4.63
N SER A 267 3.53 7.94 3.94
CA SER A 267 4.37 7.38 2.87
C SER A 267 4.55 8.42 1.77
N ARG A 268 3.62 9.35 1.57
CA ARG A 268 3.77 10.38 0.51
C ARG A 268 5.00 11.25 0.80
N MET A 269 5.34 11.46 2.05
CA MET A 269 6.42 12.41 2.41
C MET A 269 7.76 11.76 2.16
N ILE A 270 8.75 12.51 1.68
CA ILE A 270 10.14 12.01 1.58
C ILE A 270 10.90 12.29 2.86
N PHE A 271 11.46 11.28 3.48
CA PHE A 271 12.25 11.42 4.72
C PHE A 271 13.74 11.35 4.38
N ASP A 272 14.49 12.35 4.81
CA ASP A 272 15.98 12.26 4.84
C ASP A 272 16.50 12.49 6.26
N GLN A 273 17.15 11.52 6.92
CA GLN A 273 17.45 10.19 6.45
C GLN A 273 16.22 9.29 6.43
N PRO A 274 16.28 8.14 5.73
CA PRO A 274 15.14 7.23 5.70
C PRO A 274 14.74 6.77 7.09
N LEU A 275 13.44 6.56 7.24
CA LEU A 275 12.89 6.02 8.49
C LEU A 275 13.43 4.62 8.71
N PRO A 276 13.29 4.09 9.95
CA PRO A 276 13.54 2.69 10.22
C PRO A 276 12.75 1.80 9.26
N ALA A 277 13.38 0.68 8.90
CA ALA A 277 12.86 -0.26 7.89
C ALA A 277 11.43 -0.69 8.25
N LYS A 278 11.12 -1.04 9.46
CA LYS A 278 9.79 -1.51 9.85
C LYS A 278 8.79 -0.36 9.57
N ARG A 279 9.15 0.85 9.96
CA ARG A 279 8.23 2.01 9.76
C ARG A 279 8.01 2.29 8.28
N ALA A 280 9.07 2.26 7.49
CA ALA A 280 8.94 2.52 6.04
C ALA A 280 8.06 1.46 5.42
N GLN A 281 8.20 0.19 5.80
CA GLN A 281 7.34 -0.88 5.26
C GLN A 281 5.90 -0.70 5.74
N LEU A 282 5.69 -0.32 6.99
CA LEU A 282 4.33 -0.09 7.49
C LEU A 282 3.65 1.00 6.68
N GLN A 283 4.36 2.10 6.46
CA GLN A 283 3.72 3.24 5.75
C GLN A 283 3.39 2.84 4.33
N ALA A 284 4.20 2.01 3.70
CA ALA A 284 3.97 1.65 2.30
C ALA A 284 2.85 0.61 2.16
N ARG A 285 2.63 -0.21 3.19
CA ARG A 285 1.87 -1.46 3.04
C ARG A 285 0.59 -1.49 3.86
N ALA A 286 0.32 -0.52 4.74
CA ALA A 286 -0.92 -0.45 5.54
C ALA A 286 -1.85 0.56 4.88
N PRO A 287 -2.70 0.12 3.95
CA PRO A 287 -3.53 1.06 3.21
C PRO A 287 -4.76 1.45 4.02
N MET A 288 -5.47 2.41 3.51
CA MET A 288 -6.77 2.71 4.11
C MET A 288 -7.90 1.96 3.42
N GLY A 289 -8.94 1.72 4.17
CA GLY A 289 -10.17 1.12 3.63
C GLY A 289 -10.87 2.10 2.69
N ARG A 290 -12.00 1.67 2.19
CA ARG A 290 -12.88 2.50 1.32
C ARG A 290 -14.27 2.46 1.92
N LEU A 291 -14.87 3.65 2.05
CA LEU A 291 -16.19 3.82 2.68
C LEU A 291 -16.85 5.04 2.05
N ALA A 292 -18.16 4.94 1.96
CA ALA A 292 -19.02 6.12 1.64
C ALA A 292 -20.07 6.21 2.74
N LYS A 293 -20.43 7.46 3.05
CA LYS A 293 -21.45 7.80 4.06
C LYS A 293 -22.59 8.54 3.32
N ILE A 294 -23.75 7.91 3.32
CA ILE A 294 -24.94 8.39 2.58
C ILE A 294 -25.98 8.85 3.57
N GLN A 295 -26.52 10.05 3.35
CA GLN A 295 -27.47 10.65 4.33
C GLN A 295 -28.69 11.09 3.55
N VAL A 296 -29.82 10.75 4.08
CA VAL A 296 -31.14 11.13 3.51
C VAL A 296 -31.91 11.81 4.64
N ARG A 297 -32.67 12.86 4.29
CA ARG A 297 -33.53 13.48 5.31
C ARG A 297 -34.98 13.51 4.83
N TYR A 298 -35.83 13.44 5.85
CA TYR A 298 -37.30 13.29 5.73
C TYR A 298 -37.97 14.29 6.68
N ARG A 299 -39.24 14.57 6.37
CA ARG A 299 -40.06 15.48 7.20
C ARG A 299 -40.16 14.95 8.63
N ASP A 300 -40.28 13.64 8.82
CA ASP A 300 -40.24 13.11 10.20
C ASP A 300 -39.73 11.69 10.21
N ALA A 301 -39.54 11.20 11.42
CA ALA A 301 -38.94 9.87 11.68
C ALA A 301 -40.06 8.85 11.63
N PHE A 302 -40.61 8.62 10.43
CA PHE A 302 -41.87 7.87 10.22
C PHE A 302 -41.70 6.41 10.66
N TRP A 303 -40.46 5.87 10.62
CA TRP A 303 -40.20 4.45 11.01
C TRP A 303 -40.60 4.17 12.48
N GLN A 304 -40.57 5.22 13.33
CA GLN A 304 -40.95 5.09 14.77
C GLN A 304 -42.40 4.64 14.92
N GLU A 305 -43.28 4.95 13.96
CA GLU A 305 -44.71 4.51 13.96
C GLU A 305 -44.78 2.99 13.90
N GLU A 306 -43.82 2.35 13.26
CA GLU A 306 -43.75 0.89 13.06
C GLU A 306 -42.83 0.28 14.12
N ASN A 307 -42.45 1.02 15.16
CA ASN A 307 -41.57 0.52 16.26
C ASN A 307 -40.25 0.00 15.68
N LEU A 308 -39.76 0.67 14.65
CA LEU A 308 -38.39 0.45 14.09
C LEU A 308 -37.44 1.53 14.61
N SER A 309 -36.26 1.11 15.05
CA SER A 309 -35.20 2.03 15.49
C SER A 309 -34.61 2.77 14.28
N GLY A 310 -34.72 2.20 13.08
CA GLY A 310 -34.02 2.72 11.88
C GLY A 310 -32.66 2.08 11.70
N ALA A 311 -32.16 1.34 12.68
CA ALA A 311 -30.85 0.66 12.64
C ALA A 311 -31.03 -0.67 11.90
N ALA A 312 -30.13 -0.98 10.97
CA ALA A 312 -30.24 -2.20 10.17
C ALA A 312 -28.87 -2.66 9.73
N PHE A 313 -28.66 -3.97 9.81
CA PHE A 313 -27.55 -4.66 9.11
C PHE A 313 -28.15 -5.17 7.82
N VAL A 314 -27.77 -4.57 6.71
CA VAL A 314 -28.26 -4.96 5.38
C VAL A 314 -27.18 -5.76 4.70
N CYS A 315 -27.41 -7.04 4.49
CA CYS A 315 -26.34 -7.98 4.10
C CYS A 315 -26.60 -8.47 2.68
N GLY A 316 -25.53 -8.81 1.96
CA GLY A 316 -25.62 -9.42 0.64
C GLY A 316 -24.65 -8.76 -0.30
N ASP A 317 -24.98 -8.77 -1.58
CA ASP A 317 -24.07 -8.28 -2.63
C ASP A 317 -23.86 -6.78 -2.45
N LEU A 318 -24.91 -6.10 -1.99
CA LEU A 318 -24.82 -4.65 -1.73
C LEU A 318 -25.19 -4.45 -0.27
N ALA A 319 -24.21 -4.36 0.60
CA ALA A 319 -24.41 -4.40 2.05
C ALA A 319 -24.22 -3.00 2.61
N PHE A 320 -25.02 -2.68 3.62
CA PHE A 320 -25.01 -1.38 4.32
C PHE A 320 -25.13 -1.59 5.82
N TRP A 321 -24.64 -0.59 6.55
CA TRP A 321 -24.99 -0.39 7.97
C TRP A 321 -25.78 0.90 8.05
N VAL A 322 -26.99 0.80 8.56
CA VAL A 322 -27.94 1.93 8.52
C VAL A 322 -28.30 2.32 9.95
N PHE A 323 -28.44 3.62 10.18
CA PHE A 323 -28.83 4.22 11.48
C PHE A 323 -29.85 5.32 11.27
N ASP A 324 -30.63 5.56 12.35
CA ASP A 324 -31.31 6.87 12.53
C ASP A 324 -30.31 7.89 13.06
N GLY A 325 -29.98 8.95 12.30
CA GLY A 325 -29.02 9.98 12.70
C GLY A 325 -29.70 11.28 13.11
N SER A 326 -30.96 11.20 13.49
CA SER A 326 -31.78 12.39 13.88
C SER A 326 -31.39 12.90 15.27
N LYS A 327 -31.25 14.21 15.38
CA LYS A 327 -31.16 14.86 16.71
C LYS A 327 -32.47 15.60 17.00
N PRO A 328 -32.86 15.70 18.29
CA PRO A 328 -34.05 16.47 18.64
C PRO A 328 -34.05 17.91 18.14
N SER A 329 -32.89 18.56 18.04
CA SER A 329 -32.77 19.99 17.65
C SER A 329 -32.80 20.13 16.12
N ASP A 330 -32.76 19.03 15.38
CA ASP A 330 -32.81 19.11 13.91
C ASP A 330 -34.26 19.42 13.49
N SER A 331 -34.47 19.99 12.30
CA SER A 331 -35.83 20.26 11.78
C SER A 331 -36.28 19.22 10.73
N LEU A 332 -35.42 18.27 10.38
CA LEU A 332 -35.80 17.07 9.58
C LEU A 332 -35.26 15.85 10.34
N ALA A 333 -35.72 14.67 10.01
CA ALA A 333 -35.18 13.38 10.46
C ALA A 333 -34.14 12.93 9.44
N THR A 334 -33.17 12.16 9.92
CA THR A 334 -32.02 11.72 9.09
C THR A 334 -31.84 10.23 9.19
N ILE A 335 -31.70 9.57 8.04
CA ILE A 335 -31.16 8.19 7.95
C ILE A 335 -29.74 8.29 7.43
N VAL A 336 -28.84 7.52 8.07
CA VAL A 336 -27.40 7.47 7.69
C VAL A 336 -27.09 6.04 7.28
N GLY A 337 -26.49 5.87 6.10
CA GLY A 337 -26.05 4.54 5.64
C GLY A 337 -24.57 4.57 5.27
N PHE A 338 -23.91 3.49 5.60
CA PHE A 338 -22.50 3.26 5.25
C PHE A 338 -22.42 2.09 4.31
N ILE A 339 -21.55 2.23 3.33
CA ILE A 339 -21.18 1.16 2.38
C ILE A 339 -19.66 1.20 2.17
N GLY A 340 -19.05 0.04 2.26
CA GLY A 340 -17.58 -0.04 2.22
C GLY A 340 -17.04 -1.23 1.45
N GLY A 341 -15.72 -1.27 1.34
CA GLY A 341 -15.00 -2.46 0.85
C GLY A 341 -15.55 -2.95 -0.47
N LYS A 342 -15.81 -4.25 -0.57
CA LYS A 342 -16.22 -4.88 -1.85
C LYS A 342 -17.60 -4.40 -2.25
N HIS A 343 -18.43 -4.01 -1.30
CA HIS A 343 -19.81 -3.50 -1.56
C HIS A 343 -19.65 -2.12 -2.21
N LEU A 344 -18.74 -1.30 -1.72
CA LEU A 344 -18.44 -0.01 -2.35
C LEU A 344 -17.77 -0.19 -3.72
N ASP A 345 -16.99 -1.26 -3.95
CA ASP A 345 -16.49 -1.51 -5.33
C ASP A 345 -17.68 -1.67 -6.27
N LEU A 346 -18.68 -2.41 -5.86
CA LEU A 346 -19.87 -2.60 -6.72
C LEU A 346 -20.59 -1.25 -6.89
N TRP A 347 -20.81 -0.54 -5.80
CA TRP A 347 -21.44 0.81 -5.84
C TRP A 347 -20.70 1.72 -6.83
N HIS A 348 -19.37 1.69 -6.85
CA HIS A 348 -18.55 2.53 -7.74
C HIS A 348 -18.80 2.26 -9.23
N SER A 349 -19.31 1.08 -9.57
CA SER A 349 -19.60 0.65 -10.95
C SER A 349 -20.93 1.26 -11.40
N PHE A 350 -21.72 1.77 -10.47
CA PHE A 350 -23.02 2.43 -10.78
C PHE A 350 -22.79 3.92 -11.03
N THR A 351 -23.70 4.55 -11.80
CA THR A 351 -23.72 6.02 -11.93
C THR A 351 -24.26 6.68 -10.66
N PRO A 352 -24.01 7.99 -10.42
CA PRO A 352 -24.62 8.66 -9.27
C PRO A 352 -26.15 8.49 -9.20
N GLU A 353 -26.82 8.54 -10.35
CA GLU A 353 -28.29 8.37 -10.33
C GLU A 353 -28.70 6.93 -10.00
N GLU A 354 -27.99 5.90 -10.49
CA GLU A 354 -28.26 4.51 -10.15
C GLU A 354 -28.03 4.33 -8.64
N ARG A 355 -26.99 4.94 -8.10
CA ARG A 355 -26.70 4.80 -6.64
C ARG A 355 -27.84 5.37 -5.83
N GLU A 356 -28.27 6.59 -6.12
CA GLU A 356 -29.39 7.16 -5.35
C GLU A 356 -30.63 6.27 -5.46
N ALA A 357 -30.93 5.79 -6.65
CA ALA A 357 -32.15 4.98 -6.85
C ALA A 357 -32.03 3.71 -5.99
N ARG A 358 -30.86 3.08 -6.01
CA ARG A 358 -30.62 1.80 -5.30
C ARG A 358 -30.65 2.04 -3.79
N PHE A 359 -30.10 3.15 -3.32
CA PHE A 359 -30.09 3.45 -1.87
C PHE A 359 -31.52 3.60 -1.33
N ILE A 360 -32.32 4.36 -2.08
CA ILE A 360 -33.75 4.59 -1.69
C ILE A 360 -34.51 3.26 -1.75
N ASP A 361 -34.32 2.45 -2.77
CA ASP A 361 -34.94 1.10 -2.83
C ASP A 361 -34.55 0.28 -1.60
N MET A 362 -33.28 0.32 -1.21
CA MET A 362 -32.80 -0.42 -0.03
C MET A 362 -33.57 0.09 1.19
N LEU A 363 -33.72 1.41 1.32
CA LEU A 363 -34.44 1.97 2.50
C LEU A 363 -35.92 1.58 2.46
N VAL A 364 -36.51 1.44 1.29
CA VAL A 364 -37.94 1.02 1.21
C VAL A 364 -38.09 -0.37 1.85
N THR A 365 -37.16 -1.31 1.64
CA THR A 365 -37.17 -2.62 2.33
C THR A 365 -37.14 -2.44 3.86
N ASN A 366 -36.35 -1.48 4.33
CA ASN A 366 -36.06 -1.33 5.79
C ASN A 366 -37.20 -0.58 6.49
N ILE A 367 -37.76 0.47 5.89
CA ILE A 367 -38.65 1.44 6.61
C ILE A 367 -39.90 1.75 5.80
N GLY A 368 -40.08 1.16 4.63
CA GLY A 368 -41.34 1.18 3.88
C GLY A 368 -41.40 2.31 2.89
N GLU A 369 -42.54 2.45 2.20
CA GLU A 369 -42.68 3.33 1.01
C GLU A 369 -42.45 4.81 1.30
N LYS A 370 -42.59 5.29 2.51
CA LYS A 370 -42.36 6.73 2.81
C LYS A 370 -40.88 7.08 2.63
N ALA A 371 -40.02 6.05 2.52
CA ALA A 371 -38.58 6.32 2.25
C ALA A 371 -38.37 6.95 0.88
N ARG A 372 -39.34 6.85 -0.02
CA ARG A 372 -39.23 7.49 -1.36
C ARG A 372 -39.36 9.01 -1.28
N ASP A 373 -39.95 9.54 -0.22
CA ASP A 373 -40.29 10.99 -0.16
C ASP A 373 -39.13 11.75 0.49
N THR A 374 -37.93 11.71 -0.12
CA THR A 374 -36.76 12.34 0.43
C THR A 374 -36.90 13.86 0.30
N VAL A 375 -36.32 14.58 1.24
CA VAL A 375 -36.18 16.05 1.24
C VAL A 375 -34.75 16.43 0.87
N TYR A 376 -33.78 15.58 1.22
CA TYR A 376 -32.35 15.85 1.04
C TYR A 376 -31.67 14.49 0.89
N TYR A 377 -30.69 14.46 0.01
CA TYR A 377 -29.89 13.23 -0.23
C TYR A 377 -28.45 13.70 -0.45
N HIS A 378 -27.49 13.04 0.22
CA HIS A 378 -26.08 13.40 0.03
C HIS A 378 -25.20 12.19 0.27
N GLU A 379 -24.18 12.06 -0.57
CA GLU A 379 -23.11 11.04 -0.41
C GLU A 379 -21.77 11.73 -0.21
N THR A 380 -21.00 11.27 0.80
CA THR A 380 -19.58 11.63 0.95
C THR A 380 -18.78 10.35 0.67
N ASP A 381 -18.08 10.36 -0.44
CA ASP A 381 -17.23 9.24 -0.85
C ASP A 381 -15.85 9.52 -0.32
N TRP A 382 -15.44 8.72 0.69
CA TRP A 382 -14.15 8.95 1.36
C TRP A 382 -12.99 8.30 0.60
N THR A 383 -13.18 7.87 -0.64
CA THR A 383 -12.03 7.52 -1.51
C THR A 383 -11.66 8.70 -2.42
N GLU A 384 -12.41 9.82 -2.40
CA GLU A 384 -12.20 10.96 -3.35
C GLU A 384 -11.78 12.23 -2.63
N GLN A 385 -11.19 12.14 -1.45
CA GLN A 385 -10.80 13.32 -0.65
C GLN A 385 -9.29 13.46 -0.72
N PRO A 386 -8.73 14.57 -1.19
CA PRO A 386 -7.29 14.66 -1.35
C PRO A 386 -6.52 14.62 -0.02
N TRP A 387 -5.44 13.88 0.00
CA TRP A 387 -4.53 13.66 1.16
C TRP A 387 -5.26 12.90 2.29
N THR A 388 -6.35 12.23 1.99
CA THR A 388 -6.89 11.14 2.86
C THR A 388 -6.98 9.90 2.00
N GLY A 389 -6.29 8.84 2.40
CA GLY A 389 -6.24 7.62 1.60
C GLY A 389 -7.58 6.89 1.52
N GLY A 390 -8.43 7.04 2.51
CA GLY A 390 -9.68 6.29 2.56
C GLY A 390 -10.27 6.37 3.94
N ALA A 391 -11.08 5.40 4.29
CA ALA A 391 -11.96 5.46 5.44
C ALA A 391 -12.51 4.07 5.70
N PRO A 392 -13.00 3.80 6.93
CA PRO A 392 -12.87 4.71 8.08
C PRO A 392 -11.48 4.67 8.72
N VAL A 393 -10.74 3.61 8.40
CA VAL A 393 -9.50 3.24 9.11
C VAL A 393 -8.46 2.68 8.15
N THR A 394 -7.23 2.64 8.65
CA THR A 394 -6.13 1.86 8.10
C THR A 394 -6.43 0.38 8.36
N PHE A 395 -6.13 -0.46 7.38
CA PHE A 395 -6.14 -1.93 7.55
C PHE A 395 -4.79 -2.49 7.14
N MET A 396 -4.58 -3.77 7.42
CA MET A 396 -3.32 -4.43 6.99
C MET A 396 -3.66 -5.73 6.28
N PRO A 397 -2.97 -6.01 5.16
CA PRO A 397 -2.98 -7.31 4.52
C PRO A 397 -2.10 -8.32 5.26
N THR A 398 -2.11 -9.53 4.74
CA THR A 398 -1.33 -10.61 5.36
C THR A 398 0.15 -10.24 5.46
N GLY A 399 0.74 -10.63 6.59
CA GLY A 399 2.19 -10.53 6.79
C GLY A 399 2.65 -9.26 7.49
N LEU A 400 1.89 -8.17 7.49
CA LEU A 400 2.42 -6.85 7.88
C LEU A 400 2.40 -6.70 9.38
N LEU A 401 1.31 -6.99 10.06
CA LEU A 401 1.23 -6.72 11.52
C LEU A 401 2.39 -7.48 12.22
N SER A 402 2.58 -8.74 11.86
CA SER A 402 3.58 -9.61 12.51
C SER A 402 5.01 -9.19 12.17
N SER A 403 5.27 -8.53 11.07
CA SER A 403 6.64 -8.12 10.68
C SER A 403 6.94 -6.69 11.09
N SER A 404 5.98 -5.79 11.04
CA SER A 404 6.26 -4.34 11.12
C SER A 404 5.35 -3.64 12.13
N GLY A 405 4.41 -4.33 12.78
CA GLY A 405 3.36 -3.69 13.58
C GLY A 405 3.90 -2.82 14.71
N SER A 406 5.07 -3.13 15.23
CA SER A 406 5.65 -2.37 16.36
C SER A 406 5.90 -0.93 15.94
N ALA A 407 6.04 -0.70 14.63
CA ALA A 407 6.34 0.66 14.13
C ALA A 407 5.07 1.52 14.09
N LEU A 408 3.94 1.00 14.54
CA LEU A 408 2.70 1.81 14.65
C LEU A 408 2.85 2.88 15.73
N ARG A 409 3.73 2.63 16.70
CA ARG A 409 3.80 3.47 17.92
C ARG A 409 5.19 4.05 18.10
N GLY A 410 5.23 5.13 18.87
CA GLY A 410 6.52 5.61 19.38
C GLY A 410 7.13 6.71 18.52
N SER A 411 8.38 6.55 18.15
CA SER A 411 9.16 7.64 17.54
C SER A 411 10.40 7.10 16.85
N ALA A 412 10.93 7.88 15.95
CA ALA A 412 12.19 7.67 15.20
C ALA A 412 13.01 8.95 15.35
N GLY A 413 13.91 8.98 16.33
CA GLY A 413 14.74 10.19 16.55
C GLY A 413 13.87 11.35 17.03
N ARG A 414 13.77 12.37 16.20
CA ARG A 414 13.01 13.61 16.57
C ARG A 414 11.60 13.54 15.97
N ILE A 415 11.24 12.44 15.31
CA ILE A 415 9.90 12.30 14.67
C ILE A 415 9.06 11.39 15.55
N TYR A 416 7.94 11.88 16.04
CA TYR A 416 7.03 11.17 16.95
C TYR A 416 5.77 10.79 16.19
N PHE A 417 5.38 9.52 16.26
CA PHE A 417 4.20 9.03 15.51
C PHE A 417 2.96 9.20 16.34
N ALA A 418 2.04 9.98 15.79
CA ALA A 418 0.68 10.13 16.33
C ALA A 418 -0.29 9.69 15.25
N GLY A 419 -1.52 10.20 15.25
CA GLY A 419 -2.60 9.64 14.45
C GLY A 419 -3.21 8.43 15.16
N THR A 420 -4.47 8.14 14.90
CA THR A 420 -5.21 7.14 15.65
C THR A 420 -4.50 5.78 15.58
N GLU A 421 -3.82 5.50 14.51
CA GLU A 421 -3.19 4.15 14.35
C GLU A 421 -2.11 3.90 15.40
N ALA A 422 -1.54 4.94 16.00
CA ALA A 422 -0.53 4.89 17.06
C ALA A 422 -1.15 4.64 18.44
N ALA A 423 -2.45 4.66 18.61
CA ALA A 423 -3.09 4.57 19.94
C ALA A 423 -3.04 3.16 20.48
N PRO A 424 -2.74 2.94 21.78
CA PRO A 424 -2.72 1.57 22.29
C PRO A 424 -4.09 0.90 22.36
N MET A 425 -5.15 1.68 22.53
CA MET A 425 -6.55 1.24 22.42
C MET A 425 -7.35 2.30 21.67
N TRP A 426 -8.40 1.87 21.01
CA TRP A 426 -9.32 2.72 20.23
C TRP A 426 -8.60 3.28 19.00
N SER A 427 -7.55 2.62 18.53
CA SER A 427 -7.03 2.86 17.17
C SER A 427 -8.18 2.68 16.19
N GLY A 428 -8.31 3.63 15.25
CA GLY A 428 -9.37 3.65 14.24
C GLY A 428 -10.37 4.70 14.56
N TYR A 429 -10.43 5.12 15.81
CA TYR A 429 -11.52 5.99 16.33
C TYR A 429 -10.96 7.35 16.72
N ILE A 430 -11.83 8.31 16.89
CA ILE A 430 -11.42 9.66 17.31
C ILE A 430 -10.76 9.56 18.70
N GLU A 431 -11.32 8.73 19.59
CA GLU A 431 -10.70 8.54 20.91
C GLU A 431 -9.22 8.15 20.77
N GLY A 432 -8.93 7.26 19.83
CA GLY A 432 -7.55 6.85 19.55
C GLY A 432 -6.69 7.98 19.02
N ALA A 433 -7.26 8.81 18.16
CA ALA A 433 -6.52 9.97 17.64
C ALA A 433 -6.09 10.83 18.84
N LEU A 434 -7.03 11.06 19.75
CA LEU A 434 -6.68 11.93 20.89
C LEU A 434 -5.64 11.28 21.79
N ARG A 435 -5.77 9.98 22.04
CA ARG A 435 -4.80 9.26 22.88
C ARG A 435 -3.42 9.31 22.24
N ALA A 436 -3.29 9.08 20.93
CA ALA A 436 -1.98 9.07 20.28
C ALA A 436 -1.39 10.48 20.33
N GLY A 437 -2.18 11.50 20.09
CA GLY A 437 -1.70 12.89 20.14
C GLY A 437 -1.23 13.22 21.54
N LYS A 438 -1.96 12.79 22.56
CA LYS A 438 -1.56 13.02 23.96
C LYS A 438 -0.22 12.35 24.22
N ILE A 439 -0.05 11.10 23.79
CA ILE A 439 1.23 10.40 24.06
C ILE A 439 2.39 11.14 23.39
N ALA A 440 2.26 11.52 22.14
CA ALA A 440 3.35 12.23 21.42
C ALA A 440 3.66 13.57 22.11
N ALA A 441 2.64 14.34 22.46
CA ALA A 441 2.84 15.68 23.07
C ALA A 441 3.49 15.46 24.45
N THR A 442 2.99 14.51 25.24
CA THR A 442 3.55 14.26 26.60
C THR A 442 5.04 13.90 26.48
N ASP A 443 5.43 13.05 25.53
CA ASP A 443 6.83 12.58 25.42
C ASP A 443 7.72 13.74 24.99
N ILE A 444 7.24 14.58 24.07
CA ILE A 444 8.01 15.77 23.62
C ILE A 444 8.15 16.77 24.77
N ILE A 445 7.09 17.01 25.52
CA ILE A 445 7.14 17.94 26.68
C ILE A 445 8.27 17.45 27.60
N ALA A 446 8.35 16.15 27.87
CA ALA A 446 9.40 15.56 28.75
C ALA A 446 10.78 15.78 28.13
N ARG A 447 10.91 15.65 26.81
CA ARG A 447 12.22 15.82 26.14
C ARG A 447 12.71 17.27 26.19
N LEU A 448 11.82 18.26 26.16
CA LEU A 448 12.17 19.71 26.05
C LEU A 448 12.59 20.24 27.44
N TYR B 1 0.14 25.77 -24.49
CA TYR B 1 0.79 24.56 -23.84
C TYR B 1 2.31 24.64 -23.83
N ASP B 2 2.96 24.15 -22.77
CA ASP B 2 4.46 24.01 -22.73
C ASP B 2 4.95 22.92 -23.69
N ALA B 3 4.16 21.88 -23.90
CA ALA B 3 4.46 20.76 -24.79
C ALA B 3 3.18 20.02 -25.16
N ASP B 4 3.22 19.18 -26.16
CA ASP B 4 2.10 18.28 -26.50
C ASP B 4 1.98 17.21 -25.40
N VAL B 5 3.11 16.73 -24.88
CA VAL B 5 3.09 15.57 -23.93
C VAL B 5 4.05 15.87 -22.79
N ILE B 6 3.63 15.56 -21.56
CA ILE B 6 4.53 15.50 -20.39
C ILE B 6 4.65 14.03 -20.01
N VAL B 7 5.87 13.56 -19.88
CA VAL B 7 6.16 12.20 -19.41
C VAL B 7 6.68 12.35 -17.98
N VAL B 8 6.10 11.62 -17.06
CA VAL B 8 6.42 11.67 -15.63
C VAL B 8 7.21 10.39 -15.26
N GLY B 9 8.47 10.54 -15.00
CA GLY B 9 9.37 9.46 -14.61
C GLY B 9 10.35 9.16 -15.71
N ALA B 10 11.62 9.24 -15.39
CA ALA B 10 12.71 8.99 -16.37
C ALA B 10 13.43 7.68 -16.04
N GLY B 11 12.65 6.66 -15.63
CA GLY B 11 13.13 5.29 -15.75
C GLY B 11 13.20 4.92 -17.25
N PRO B 12 13.49 3.64 -17.54
CA PRO B 12 13.47 3.17 -18.93
C PRO B 12 12.12 3.40 -19.61
N SER B 13 11.01 3.25 -18.90
CA SER B 13 9.70 3.38 -19.56
C SER B 13 9.49 4.83 -20.02
N GLY B 14 9.56 5.80 -19.12
CA GLY B 14 9.31 7.21 -19.46
C GLY B 14 10.38 7.69 -20.44
N SER B 15 11.63 7.28 -20.24
CA SER B 15 12.73 7.73 -21.11
C SER B 15 12.42 7.23 -22.51
N TYR B 16 11.99 6.00 -22.67
CA TYR B 16 11.73 5.46 -24.02
C TYR B 16 10.52 6.15 -24.62
N ALA B 17 9.45 6.33 -23.85
CA ALA B 17 8.27 7.03 -24.39
C ALA B 17 8.70 8.41 -24.89
N ALA B 18 9.50 9.15 -24.12
CA ALA B 18 9.94 10.51 -24.51
C ALA B 18 10.80 10.40 -25.78
N LYS B 19 11.69 9.43 -25.86
CA LYS B 19 12.55 9.26 -27.05
C LYS B 19 11.62 9.09 -28.26
N LEU B 20 10.64 8.19 -28.20
CA LEU B 20 9.78 7.89 -29.37
C LEU B 20 9.04 9.17 -29.79
N LEU B 21 8.59 9.97 -28.85
CA LEU B 21 7.83 11.21 -29.16
C LEU B 21 8.81 12.19 -29.79
N HIS B 22 9.97 12.39 -29.18
CA HIS B 22 10.97 13.38 -29.63
C HIS B 22 11.46 12.99 -31.02
N ASP B 23 11.58 11.71 -31.31
CA ASP B 23 12.06 11.24 -32.64
C ASP B 23 11.05 11.61 -33.73
N ARG B 24 9.77 11.73 -33.40
CA ARG B 24 8.71 12.11 -34.37
C ARG B 24 8.56 13.63 -34.41
N GLY B 25 9.35 14.39 -33.67
CA GLY B 25 9.25 15.86 -33.60
C GLY B 25 8.01 16.31 -32.82
N ILE B 26 7.44 15.46 -31.95
CA ILE B 26 6.37 15.91 -31.00
C ILE B 26 7.05 16.58 -29.81
N SER B 27 6.55 17.70 -29.38
CA SER B 27 7.07 18.47 -28.26
C SER B 27 6.77 17.67 -26.99
N VAL B 28 7.82 17.36 -26.26
CA VAL B 28 7.66 16.53 -25.04
C VAL B 28 8.58 17.06 -23.95
N LYS B 29 8.11 17.04 -22.71
CA LYS B 29 8.93 17.29 -21.50
C LYS B 29 8.97 15.98 -20.72
N LEU B 30 10.13 15.64 -20.21
CA LEU B 30 10.32 14.47 -19.32
C LEU B 30 10.65 15.03 -17.96
N VAL B 31 9.82 14.77 -16.96
CA VAL B 31 10.08 15.25 -15.60
C VAL B 31 10.39 14.09 -14.67
N GLU B 32 11.38 14.27 -13.83
CA GLU B 32 11.94 13.20 -12.98
C GLU B 32 12.15 13.78 -11.58
N ALA B 33 11.78 13.04 -10.53
CA ALA B 33 11.90 13.47 -9.14
C ALA B 33 13.36 13.51 -8.70
N LYS B 34 14.11 12.48 -9.05
CA LYS B 34 15.51 12.31 -8.56
C LYS B 34 16.47 13.30 -9.24
N ASP B 35 17.72 13.32 -8.77
CA ASP B 35 18.82 14.13 -9.36
C ASP B 35 19.47 13.34 -10.50
N ARG B 36 18.84 12.28 -10.98
CA ARG B 36 19.39 11.45 -12.06
C ARG B 36 18.23 10.74 -12.74
N VAL B 37 18.50 10.30 -13.96
CA VAL B 37 17.63 9.37 -14.72
C VAL B 37 18.01 7.94 -14.35
N GLY B 38 17.11 7.03 -14.74
CA GLY B 38 17.35 5.58 -14.71
C GLY B 38 16.35 4.86 -13.81
N GLY B 39 15.85 5.47 -12.76
CA GLY B 39 14.90 4.82 -11.84
C GLY B 39 15.52 3.61 -11.16
N ARG B 40 14.95 2.43 -11.40
CA ARG B 40 15.47 1.16 -10.85
C ARG B 40 16.65 0.63 -11.66
N THR B 41 17.01 1.32 -12.75
CA THR B 41 18.31 1.12 -13.39
C THR B 41 19.24 2.28 -12.95
N TRP B 42 20.48 1.96 -12.63
CA TRP B 42 21.42 2.90 -12.04
C TRP B 42 22.82 2.30 -12.14
N SER B 43 23.76 2.97 -12.80
CA SER B 43 25.12 2.43 -12.92
C SER B 43 26.13 3.58 -12.86
N SER B 44 27.35 3.23 -12.54
CA SER B 44 28.49 4.16 -12.51
C SER B 44 29.69 3.52 -13.20
N LYS B 45 30.34 4.32 -14.07
CA LYS B 45 31.55 3.82 -14.75
C LYS B 45 32.77 3.97 -13.83
N THR B 46 32.72 4.76 -12.78
CA THR B 46 33.94 5.14 -12.01
C THR B 46 33.85 4.86 -10.52
N GLU B 47 32.66 4.72 -9.93
CA GLU B 47 32.56 4.67 -8.46
C GLU B 47 33.18 3.38 -7.91
N ALA B 48 33.23 2.28 -8.67
CA ALA B 48 33.73 1.01 -8.14
C ALA B 48 35.04 0.62 -8.81
N GLN B 49 36.05 0.31 -8.02
CA GLN B 49 37.30 -0.23 -8.56
C GLN B 49 37.02 -1.45 -9.44
N GLY B 50 37.67 -1.58 -10.59
CA GLY B 50 37.63 -2.76 -11.46
C GLY B 50 36.74 -2.58 -12.68
N GLY B 51 35.94 -1.51 -12.74
CA GLY B 51 35.12 -1.30 -13.93
C GLY B 51 33.71 -0.86 -13.57
N PRO B 52 32.91 -0.52 -14.59
CA PRO B 52 31.52 -0.07 -14.35
C PRO B 52 30.78 -1.08 -13.49
N ILE B 53 29.89 -0.52 -12.72
CA ILE B 53 29.01 -1.32 -11.83
C ILE B 53 27.56 -0.88 -12.03
N ASP B 54 26.65 -1.85 -11.92
CA ASP B 54 25.19 -1.56 -11.98
C ASP B 54 24.66 -1.72 -10.55
N PHE B 55 24.19 -0.65 -9.98
CA PHE B 55 23.49 -0.66 -8.70
C PHE B 55 22.03 -1.15 -8.82
N GLY B 56 21.40 -0.95 -9.98
CA GLY B 56 20.06 -1.47 -10.24
C GLY B 56 20.09 -2.55 -11.30
N GLY B 57 18.98 -2.70 -11.99
CA GLY B 57 18.83 -3.84 -12.90
C GLY B 57 19.82 -3.89 -14.02
N GLN B 58 20.27 -5.08 -14.44
CA GLN B 58 21.33 -5.14 -15.44
C GLN B 58 21.21 -6.25 -16.46
N TRP B 59 20.42 -7.30 -16.22
CA TRP B 59 20.38 -8.44 -17.15
C TRP B 59 19.38 -8.20 -18.27
N ILE B 60 19.76 -8.65 -19.47
CA ILE B 60 18.96 -8.70 -20.69
C ILE B 60 18.60 -10.16 -20.92
N GLY B 61 17.34 -10.43 -21.26
CA GLY B 61 16.83 -11.77 -21.49
C GLY B 61 16.95 -12.23 -22.95
N GLU B 62 16.90 -13.54 -23.10
CA GLU B 62 17.07 -14.14 -24.46
C GLU B 62 15.89 -13.84 -25.37
N THR B 63 14.69 -13.61 -24.87
CA THR B 63 13.55 -13.31 -25.75
C THR B 63 13.22 -11.81 -25.83
N HIS B 64 14.01 -10.96 -25.14
CA HIS B 64 13.72 -9.52 -25.13
C HIS B 64 14.02 -8.96 -26.51
N VAL B 65 13.17 -8.10 -27.00
CA VAL B 65 13.26 -7.57 -28.38
C VAL B 65 13.53 -6.08 -28.31
N LEU B 66 12.76 -5.30 -27.56
CA LEU B 66 12.92 -3.84 -27.60
C LEU B 66 14.23 -3.45 -26.92
N LEU B 67 14.64 -4.16 -25.88
CA LEU B 67 15.85 -3.74 -25.11
C LEU B 67 17.11 -3.91 -25.97
N PRO B 68 17.36 -5.06 -26.59
CA PRO B 68 18.50 -5.17 -27.50
C PRO B 68 18.36 -4.21 -28.66
N GLU B 69 17.17 -3.97 -29.19
CA GLU B 69 17.02 -3.04 -30.33
C GLU B 69 17.40 -1.63 -29.89
N LEU B 70 16.98 -1.24 -28.70
CA LEU B 70 17.25 0.13 -28.24
C LEU B 70 18.77 0.24 -27.94
N GLY B 71 19.35 -0.82 -27.38
CA GLY B 71 20.82 -0.90 -27.18
C GLY B 71 21.57 -0.64 -28.47
N GLU B 72 21.13 -1.29 -29.54
CA GLU B 72 21.77 -1.07 -30.87
C GLU B 72 21.57 0.36 -31.36
N GLU B 73 20.38 0.93 -31.22
CA GLU B 73 20.04 2.30 -31.64
C GLU B 73 20.90 3.31 -30.87
N LEU B 74 21.23 3.05 -29.59
CA LEU B 74 21.98 4.00 -28.74
C LEU B 74 23.48 3.70 -28.85
N GLY B 75 23.89 2.71 -29.63
CA GLY B 75 25.32 2.40 -29.87
C GLY B 75 25.96 1.76 -28.67
N LEU B 76 25.26 0.83 -28.00
CA LEU B 76 25.84 0.06 -26.89
C LEU B 76 26.25 -1.32 -27.36
N GLU B 77 27.22 -1.90 -26.69
CA GLU B 77 27.70 -3.27 -26.93
C GLU B 77 27.12 -4.18 -25.86
N THR B 78 26.70 -5.37 -26.27
CA THR B 78 26.26 -6.39 -25.31
C THR B 78 27.38 -7.40 -25.17
N VAL B 79 27.41 -8.01 -24.02
CA VAL B 79 28.29 -9.16 -23.76
C VAL B 79 27.45 -10.25 -23.08
N SER B 80 27.75 -11.52 -23.36
CA SER B 80 27.11 -12.69 -22.72
C SER B 80 27.37 -12.67 -21.21
N SER B 81 26.37 -13.03 -20.42
CA SER B 81 26.48 -13.27 -18.96
C SER B 81 26.73 -14.76 -18.64
N ILE B 82 26.78 -15.61 -19.65
CA ILE B 82 26.77 -17.09 -19.48
C ILE B 82 28.13 -17.50 -18.94
N LYS B 83 28.11 -18.31 -17.89
CA LYS B 83 29.33 -18.81 -17.20
C LYS B 83 29.36 -20.32 -17.34
N PRO B 84 30.54 -20.91 -17.57
CA PRO B 84 30.65 -22.36 -17.50
C PRO B 84 30.72 -22.78 -16.02
N GLY B 85 30.49 -24.05 -15.77
CA GLY B 85 30.66 -24.70 -14.47
C GLY B 85 29.33 -25.04 -13.84
N ASN B 86 29.42 -25.54 -12.62
CA ASN B 86 28.21 -26.03 -11.91
C ASN B 86 27.66 -24.88 -11.05
N ASP B 87 26.36 -24.69 -11.18
CA ASP B 87 25.58 -23.92 -10.19
C ASP B 87 25.51 -24.75 -8.91
N ILE B 88 25.20 -24.15 -7.76
CA ILE B 88 24.95 -24.91 -6.51
C ILE B 88 23.62 -24.51 -5.88
N PHE B 89 23.15 -25.39 -5.00
CA PHE B 89 21.95 -25.24 -4.17
C PHE B 89 22.42 -25.39 -2.75
N VAL B 90 22.14 -24.42 -1.91
CA VAL B 90 22.57 -24.43 -0.50
C VAL B 90 21.31 -24.44 0.35
N PHE B 91 21.19 -25.41 1.25
CA PHE B 91 20.02 -25.52 2.15
C PHE B 91 20.53 -25.45 3.58
N ASN B 92 20.27 -24.36 4.27
CA ASN B 92 20.66 -24.19 5.70
C ASN B 92 22.18 -24.45 5.83
N GLY B 93 23.00 -23.91 4.92
CA GLY B 93 24.47 -23.99 5.06
C GLY B 93 25.07 -25.22 4.40
N GLN B 94 24.27 -26.14 3.86
CA GLN B 94 24.75 -27.42 3.28
C GLN B 94 24.67 -27.36 1.77
N VAL B 95 25.79 -27.61 1.06
CA VAL B 95 25.90 -27.47 -0.41
C VAL B 95 25.52 -28.75 -1.15
N THR B 96 24.59 -28.65 -2.11
CA THR B 96 24.37 -29.64 -3.17
C THR B 96 24.87 -29.05 -4.49
N VAL B 97 25.79 -29.70 -5.16
CA VAL B 97 26.38 -29.19 -6.43
C VAL B 97 25.48 -29.58 -7.58
N GLY B 98 25.16 -28.62 -8.44
CA GLY B 98 24.33 -28.91 -9.63
C GLY B 98 25.13 -29.60 -10.71
N GLU B 99 24.46 -29.90 -11.80
CA GLU B 99 25.05 -30.42 -13.06
C GLU B 99 24.84 -29.31 -14.08
N GLU B 100 25.86 -28.50 -14.28
CA GLU B 100 25.72 -27.20 -15.00
C GLU B 100 24.66 -26.37 -14.26
N ASP B 101 23.63 -25.95 -14.96
CA ASP B 101 22.53 -25.14 -14.41
C ASP B 101 21.35 -26.02 -14.02
N GLN B 102 21.51 -27.34 -13.88
CA GLN B 102 20.37 -28.25 -13.53
C GLN B 102 20.52 -28.75 -12.08
N ALA B 103 19.40 -28.94 -11.40
CA ALA B 103 19.35 -29.68 -10.12
C ALA B 103 19.85 -31.09 -10.40
N PRO B 104 20.63 -31.73 -9.50
CA PRO B 104 21.25 -33.02 -9.84
C PRO B 104 20.20 -34.13 -9.84
N ALA B 105 20.19 -34.98 -10.87
CA ALA B 105 19.23 -36.10 -11.04
C ALA B 105 19.30 -37.05 -9.81
N SER B 106 20.41 -37.10 -9.09
CA SER B 106 20.59 -37.98 -7.90
C SER B 106 19.94 -37.42 -6.63
N ALA B 107 19.57 -36.13 -6.56
CA ALA B 107 18.99 -35.57 -5.32
C ALA B 107 17.53 -36.02 -5.18
N SER B 108 17.08 -36.28 -3.95
CA SER B 108 15.70 -36.79 -3.65
C SER B 108 14.65 -35.76 -4.11
N TRP B 109 15.00 -34.47 -4.12
CA TRP B 109 14.04 -33.36 -4.33
C TRP B 109 13.90 -32.96 -5.80
N THR B 110 14.78 -33.40 -6.71
CA THR B 110 14.79 -32.88 -8.10
C THR B 110 13.48 -33.21 -8.84
N ALA B 111 12.95 -34.43 -8.72
CA ALA B 111 11.71 -34.79 -9.44
C ALA B 111 10.55 -33.89 -8.97
N GLU B 112 10.42 -33.69 -7.67
CA GLU B 112 9.34 -32.82 -7.14
C GLU B 112 9.60 -31.38 -7.56
N LEU B 113 10.84 -30.95 -7.69
CA LEU B 113 11.04 -29.53 -8.15
C LEU B 113 10.42 -29.37 -9.54
N THR B 114 10.69 -30.29 -10.47
CA THR B 114 10.14 -30.26 -11.83
C THR B 114 8.61 -30.24 -11.78
N ARG B 115 8.00 -31.14 -10.99
CA ARG B 115 6.53 -31.21 -10.80
C ARG B 115 6.02 -29.85 -10.27
N SER B 116 6.73 -29.26 -9.32
CA SER B 116 6.29 -27.99 -8.64
C SER B 116 6.30 -26.85 -9.67
N PHE B 117 7.28 -26.83 -10.59
CA PHE B 117 7.33 -25.84 -11.70
C PHE B 117 6.17 -26.04 -12.67
N GLU B 118 5.80 -27.28 -13.02
CA GLU B 118 4.64 -27.53 -13.91
C GLU B 118 3.39 -27.03 -13.21
N LEU B 119 3.21 -27.31 -11.92
CA LEU B 119 1.99 -26.82 -11.19
C LEU B 119 1.93 -25.29 -11.26
N LEU B 120 3.06 -24.62 -11.01
CA LEU B 120 3.10 -23.13 -10.95
C LEU B 120 2.80 -22.62 -12.35
N ASP B 121 3.39 -23.22 -13.38
CA ASP B 121 3.17 -22.77 -14.76
C ASP B 121 1.71 -22.99 -15.18
N GLU B 122 1.10 -24.12 -14.75
CA GLU B 122 -0.33 -24.42 -15.04
C GLU B 122 -1.22 -23.36 -14.40
N ALA B 123 -0.95 -22.98 -13.17
CA ALA B 123 -1.75 -21.93 -12.48
C ALA B 123 -1.66 -20.64 -13.28
N GLY B 124 -0.45 -20.31 -13.72
CA GLY B 124 -0.21 -19.12 -14.57
C GLY B 124 -0.97 -19.15 -15.89
N ALA B 125 -0.95 -20.30 -16.55
CA ALA B 125 -1.61 -20.48 -17.85
C ALA B 125 -3.12 -20.31 -17.70
N ARG B 126 -3.68 -20.70 -16.56
CA ARG B 126 -5.15 -20.59 -16.33
C ARG B 126 -5.53 -19.12 -16.18
N LEU B 127 -4.61 -18.25 -15.76
CA LEU B 127 -4.89 -16.80 -15.64
C LEU B 127 -4.58 -16.06 -16.94
N GLY B 128 -3.44 -16.37 -17.56
CA GLY B 128 -2.90 -15.73 -18.77
C GLY B 128 -2.36 -14.36 -18.51
N TRP B 129 -1.74 -13.77 -19.52
CA TRP B 129 -1.19 -12.41 -19.40
C TRP B 129 -2.18 -11.40 -19.96
N GLU B 130 -3.11 -11.81 -20.83
CA GLU B 130 -3.97 -10.87 -21.61
C GLU B 130 -4.96 -10.19 -20.67
N ALA B 131 -5.64 -10.95 -19.81
CA ALA B 131 -6.66 -10.42 -18.89
C ALA B 131 -6.82 -11.30 -17.65
N PRO B 132 -5.79 -11.41 -16.81
CA PRO B 132 -5.85 -12.30 -15.66
C PRO B 132 -6.97 -11.91 -14.70
N TRP B 133 -7.27 -10.61 -14.64
CA TRP B 133 -8.32 -10.11 -13.72
C TRP B 133 -9.70 -10.67 -14.07
N ALA B 134 -9.89 -11.14 -15.30
CA ALA B 134 -11.20 -11.64 -15.84
C ALA B 134 -11.24 -13.17 -15.90
N SER B 135 -10.19 -13.87 -15.48
CA SER B 135 -10.07 -15.33 -15.59
C SER B 135 -11.04 -15.97 -14.63
N PRO B 136 -11.80 -16.98 -15.06
CA PRO B 136 -12.60 -17.74 -14.10
C PRO B 136 -11.80 -18.35 -12.93
N ALA B 137 -10.49 -18.48 -13.05
CA ALA B 137 -9.61 -19.07 -12.01
C ALA B 137 -9.11 -17.99 -11.02
N VAL B 138 -9.31 -16.71 -11.29
CA VAL B 138 -8.56 -15.69 -10.54
C VAL B 138 -9.18 -15.52 -9.15
N GLU B 139 -10.48 -15.64 -8.99
CA GLU B 139 -11.09 -15.39 -7.66
C GLU B 139 -10.48 -16.31 -6.61
N ALA B 140 -10.42 -17.59 -6.88
CA ALA B 140 -9.89 -18.58 -5.92
C ALA B 140 -8.40 -18.35 -5.68
N LEU B 141 -7.61 -18.15 -6.74
CA LEU B 141 -6.16 -17.99 -6.52
C LEU B 141 -5.90 -16.66 -5.80
N ASP B 142 -6.73 -15.65 -5.98
CA ASP B 142 -6.38 -14.31 -5.47
C ASP B 142 -6.78 -14.16 -4.02
N GLY B 143 -7.47 -15.15 -3.45
CA GLY B 143 -7.88 -15.15 -2.04
C GLY B 143 -6.89 -15.91 -1.18
N MET B 144 -5.80 -16.41 -1.77
CA MET B 144 -4.82 -17.17 -0.99
C MET B 144 -3.42 -16.62 -1.27
N THR B 145 -2.53 -16.87 -0.36
CA THR B 145 -1.10 -16.46 -0.45
C THR B 145 -0.27 -17.51 -1.16
N VAL B 146 0.88 -17.12 -1.65
CA VAL B 146 1.82 -18.12 -2.22
C VAL B 146 2.16 -19.11 -1.15
N ALA B 147 2.38 -18.70 0.11
CA ALA B 147 2.71 -19.64 1.21
C ALA B 147 1.63 -20.71 1.31
N GLN B 148 0.37 -20.32 1.24
CA GLN B 148 -0.77 -21.26 1.34
C GLN B 148 -0.75 -22.20 0.16
N TRP B 149 -0.46 -21.73 -1.02
CA TRP B 149 -0.43 -22.61 -2.21
C TRP B 149 0.73 -23.58 -2.04
N LEU B 150 1.84 -23.14 -1.48
CA LEU B 150 3.01 -24.05 -1.30
C LEU B 150 2.62 -25.12 -0.27
N ASP B 151 1.90 -24.76 0.79
CA ASP B 151 1.49 -25.75 1.82
C ASP B 151 0.64 -26.83 1.15
N GLU B 152 -0.18 -26.49 0.20
CA GLU B 152 -1.13 -27.39 -0.49
C GLU B 152 -0.41 -28.22 -1.57
N ASN B 153 0.68 -27.74 -2.18
CA ASN B 153 1.14 -28.25 -3.51
C ASN B 153 2.59 -28.71 -3.49
N VAL B 154 3.31 -28.49 -2.42
CA VAL B 154 4.74 -28.86 -2.31
C VAL B 154 4.97 -29.61 -1.00
N SER B 155 5.64 -30.78 -1.10
CA SER B 155 6.02 -31.62 0.05
C SER B 155 7.47 -31.41 0.49
N SER B 156 8.40 -31.56 -0.43
CA SER B 156 9.86 -31.51 -0.14
C SER B 156 10.27 -30.18 0.52
N ASP B 157 10.99 -30.23 1.62
CA ASP B 157 11.52 -29.01 2.30
C ASP B 157 12.47 -28.26 1.34
N GLU B 158 13.27 -28.97 0.57
CA GLU B 158 14.18 -28.34 -0.41
C GLU B 158 13.35 -27.59 -1.46
N VAL B 159 12.33 -28.22 -2.01
CA VAL B 159 11.49 -27.58 -3.06
C VAL B 159 10.84 -26.34 -2.46
N ARG B 160 10.36 -26.44 -1.23
CA ARG B 160 9.67 -25.29 -0.59
C ARG B 160 10.69 -24.16 -0.37
N MET B 161 11.90 -24.51 0.03
CA MET B 161 12.97 -23.48 0.23
C MET B 161 13.33 -22.80 -1.09
N ILE B 162 13.36 -23.52 -2.19
CA ILE B 162 13.67 -22.90 -3.50
C ILE B 162 12.53 -21.94 -3.86
N HIS B 163 11.30 -22.37 -3.73
CA HIS B 163 10.17 -21.45 -4.05
C HIS B 163 10.21 -20.23 -3.14
N GLU B 164 10.56 -20.40 -1.88
CA GLU B 164 10.64 -19.22 -0.95
C GLU B 164 11.70 -18.25 -1.43
N VAL B 165 12.87 -18.70 -1.85
CA VAL B 165 13.91 -17.70 -2.23
C VAL B 165 13.43 -17.05 -3.53
N MET B 166 12.80 -17.77 -4.45
CA MET B 166 12.37 -17.21 -5.73
C MET B 166 11.35 -16.07 -5.50
N VAL B 167 10.39 -16.28 -4.62
CA VAL B 167 9.37 -15.23 -4.40
C VAL B 167 10.00 -14.04 -3.68
N ASN B 168 10.80 -14.29 -2.64
CA ASN B 168 11.43 -13.22 -1.85
C ASN B 168 12.39 -12.39 -2.74
N ILE B 169 12.95 -12.95 -3.78
CA ILE B 169 13.81 -12.20 -4.72
C ILE B 169 13.02 -11.65 -5.89
N LEU B 170 12.29 -12.46 -6.63
CA LEU B 170 11.64 -12.05 -7.90
C LEU B 170 10.47 -11.10 -7.64
N ASN B 171 9.83 -11.16 -6.47
CA ASN B 171 8.79 -10.20 -6.08
C ASN B 171 9.26 -9.38 -4.89
N GLY B 172 10.43 -9.62 -4.31
CA GLY B 172 10.92 -8.87 -3.14
C GLY B 172 10.00 -8.97 -1.95
N ALA B 173 9.26 -10.07 -1.80
CA ALA B 173 8.25 -10.16 -0.75
C ALA B 173 8.15 -11.56 -0.21
N ASN B 174 7.65 -11.66 1.00
CA ASN B 174 7.45 -12.95 1.70
C ASN B 174 6.32 -13.68 0.95
N THR B 175 6.40 -14.99 0.90
CA THR B 175 5.31 -15.84 0.35
C THR B 175 4.01 -15.65 1.11
N THR B 176 4.07 -15.20 2.37
CA THR B 176 2.84 -14.91 3.17
C THR B 176 2.20 -13.58 2.74
N GLU B 177 2.88 -12.76 1.96
CA GLU B 177 2.44 -11.39 1.62
C GLU B 177 1.82 -11.32 0.25
N VAL B 178 2.23 -12.18 -0.68
CA VAL B 178 1.90 -12.06 -2.10
C VAL B 178 0.71 -12.96 -2.41
N SER B 179 -0.26 -12.43 -3.12
CA SER B 179 -1.39 -13.22 -3.65
C SER B 179 -0.83 -14.35 -4.53
N MET B 180 -1.33 -15.57 -4.41
CA MET B 180 -0.94 -16.63 -5.37
C MET B 180 -1.37 -16.25 -6.78
N ALA B 181 -2.52 -15.62 -6.99
CA ALA B 181 -2.94 -15.18 -8.34
C ALA B 181 -1.91 -14.22 -8.91
N TYR B 182 -1.49 -13.23 -8.13
CA TYR B 182 -0.47 -12.29 -8.64
C TYR B 182 0.84 -13.01 -8.97
N TRP B 183 1.32 -13.86 -8.11
CA TRP B 183 2.54 -14.63 -8.38
C TRP B 183 2.41 -15.48 -9.65
N ALA B 184 1.33 -16.25 -9.75
CA ALA B 184 1.15 -17.12 -10.93
C ALA B 184 1.11 -16.30 -12.21
N TYR B 185 0.39 -15.17 -12.19
CA TYR B 185 0.30 -14.23 -13.33
C TYR B 185 1.71 -13.68 -13.65
N PHE B 186 2.42 -13.22 -12.62
CA PHE B 186 3.72 -12.56 -12.80
C PHE B 186 4.68 -13.52 -13.48
N VAL B 187 4.71 -14.77 -13.02
CA VAL B 187 5.63 -15.78 -13.59
C VAL B 187 5.20 -16.10 -15.03
N HIS B 188 3.92 -16.31 -15.31
CA HIS B 188 3.47 -16.66 -16.68
C HIS B 188 3.86 -15.55 -17.64
N GLN B 189 3.64 -14.29 -17.26
CA GLN B 189 3.84 -13.17 -18.22
C GLN B 189 5.35 -12.88 -18.33
N GLY B 190 6.19 -13.58 -17.59
CA GLY B 190 7.65 -13.65 -17.79
C GLY B 190 8.10 -14.89 -18.52
N GLU B 191 7.15 -15.58 -19.17
CA GLU B 191 7.40 -16.78 -20.01
C GLU B 191 7.71 -17.97 -19.11
N GLY B 192 7.29 -17.99 -17.85
CA GLY B 192 7.33 -19.19 -17.03
C GLY B 192 8.50 -19.24 -16.07
N ILE B 193 8.43 -20.11 -15.08
CA ILE B 193 9.39 -20.03 -13.97
C ILE B 193 10.81 -20.36 -14.44
N GLU B 194 10.99 -21.29 -15.36
CA GLU B 194 12.36 -21.63 -15.80
C GLU B 194 12.97 -20.44 -16.54
N SER B 195 12.17 -19.64 -17.23
CA SER B 195 12.58 -18.36 -17.85
C SER B 195 13.10 -17.40 -16.79
N LEU B 196 12.36 -17.17 -15.69
CA LEU B 196 12.76 -16.13 -14.73
C LEU B 196 13.90 -16.56 -13.83
N ILE B 197 14.09 -17.87 -13.62
CA ILE B 197 15.17 -18.32 -12.71
C ILE B 197 16.39 -18.82 -13.50
N GLY B 198 16.41 -18.62 -14.80
CA GLY B 198 17.58 -18.94 -15.62
C GLY B 198 18.85 -18.33 -15.03
N THR B 199 19.94 -19.08 -14.93
CA THR B 199 21.25 -18.50 -14.51
C THR B 199 22.11 -18.27 -15.73
N ARG B 200 21.83 -18.97 -16.83
CA ARG B 200 22.55 -18.89 -18.11
C ARG B 200 21.56 -19.01 -19.27
N SER B 201 20.30 -18.66 -19.05
CA SER B 201 19.22 -18.83 -20.05
C SER B 201 18.04 -17.94 -19.63
N GLY B 202 17.03 -17.87 -20.46
CA GLY B 202 15.79 -17.14 -20.10
C GLY B 202 16.11 -15.69 -19.83
N ALA B 203 15.70 -15.18 -18.69
CA ALA B 203 15.74 -13.72 -18.44
C ALA B 203 17.18 -13.25 -18.22
N GLN B 204 18.11 -14.14 -17.95
CA GLN B 204 19.49 -13.76 -17.54
C GLN B 204 20.49 -14.26 -18.61
N ILE B 205 20.71 -13.53 -19.69
CA ILE B 205 21.74 -14.02 -20.69
C ILE B 205 22.75 -12.97 -21.12
N ALA B 206 22.53 -11.68 -20.89
CA ALA B 206 23.48 -10.66 -21.41
C ALA B 206 23.44 -9.39 -20.59
N TRP B 207 24.48 -8.57 -20.81
CA TRP B 207 24.67 -7.24 -20.17
C TRP B 207 25.10 -6.22 -21.22
N PHE B 208 24.85 -4.95 -20.96
CA PHE B 208 25.50 -3.85 -21.70
C PHE B 208 26.85 -3.50 -21.07
N VAL B 209 27.90 -3.47 -21.91
CA VAL B 209 29.23 -3.01 -21.48
C VAL B 209 29.12 -1.52 -21.13
N GLY B 210 29.58 -1.13 -19.95
CA GLY B 210 29.54 0.25 -19.47
C GLY B 210 28.38 0.52 -18.55
N GLY B 211 27.45 -0.44 -18.46
CA GLY B 211 26.32 -0.36 -17.52
C GLY B 211 24.97 -0.11 -18.17
N MET B 212 23.93 -0.60 -17.53
CA MET B 212 22.51 -0.44 -18.02
C MET B 212 22.06 1.01 -17.85
N GLY B 213 22.63 1.78 -16.93
CA GLY B 213 22.29 3.18 -16.70
C GLY B 213 22.52 4.01 -17.94
N GLN B 214 23.36 3.52 -18.84
CA GLN B 214 23.65 4.25 -20.09
C GLN B 214 22.37 4.39 -20.94
N VAL B 215 21.44 3.42 -20.85
CA VAL B 215 20.22 3.49 -21.72
C VAL B 215 19.48 4.80 -21.48
N THR B 216 19.12 5.10 -20.23
CA THR B 216 18.41 6.31 -19.89
C THR B 216 19.33 7.52 -20.03
N GLU B 217 20.61 7.37 -19.73
CA GLU B 217 21.51 8.55 -19.80
C GLU B 217 21.65 9.00 -21.25
N LEU B 218 21.80 8.08 -22.18
CA LEU B 218 21.96 8.42 -23.61
C LEU B 218 20.66 8.96 -24.18
N ILE B 219 19.50 8.54 -23.64
CA ILE B 219 18.23 9.18 -24.04
C ILE B 219 18.18 10.61 -23.49
N ALA B 220 18.54 10.82 -22.25
CA ALA B 220 18.55 12.16 -21.59
C ALA B 220 19.42 13.08 -22.45
N ASP B 221 20.53 12.57 -22.94
CA ASP B 221 21.37 13.40 -23.84
C ASP B 221 20.59 13.85 -25.08
N ARG B 222 19.85 12.96 -25.71
CA ARG B 222 19.05 13.32 -26.93
C ARG B 222 18.02 14.38 -26.56
N LEU B 223 17.45 14.30 -25.35
CA LEU B 223 16.31 15.19 -25.01
C LEU B 223 16.78 16.57 -24.62
N GLY B 224 18.04 16.73 -24.19
CA GLY B 224 18.52 18.03 -23.73
C GLY B 224 17.67 18.69 -22.65
N ASP B 225 17.29 19.97 -22.81
CA ASP B 225 16.56 20.70 -21.75
C ASP B 225 15.06 20.40 -21.76
N ASN B 226 14.63 19.43 -22.56
CA ASN B 226 13.27 18.85 -22.45
C ASN B 226 13.21 17.95 -21.21
N LEU B 227 14.34 17.49 -20.68
CA LEU B 227 14.42 16.76 -19.38
C LEU B 227 14.53 17.75 -18.23
N HIS B 228 13.66 17.60 -17.21
CA HIS B 228 13.77 18.30 -15.92
C HIS B 228 14.07 17.30 -14.83
N LEU B 229 15.25 17.34 -14.23
CA LEU B 229 15.55 16.58 -13.01
C LEU B 229 15.11 17.35 -11.75
N ASN B 230 15.08 16.70 -10.59
CA ASN B 230 14.76 17.39 -9.33
C ASN B 230 13.38 18.04 -9.51
N TRP B 231 12.45 17.32 -10.14
CA TRP B 231 11.12 17.82 -10.50
C TRP B 231 10.06 16.80 -10.09
N PRO B 232 9.91 16.59 -8.76
CA PRO B 232 8.94 15.62 -8.26
C PRO B 232 7.52 16.10 -8.53
N VAL B 233 6.74 15.33 -9.26
CA VAL B 233 5.34 15.67 -9.54
C VAL B 233 4.54 15.52 -8.27
N THR B 234 3.86 16.58 -7.87
CA THR B 234 3.00 16.60 -6.68
C THR B 234 1.53 16.56 -7.04
N SER B 235 1.12 17.06 -8.19
CA SER B 235 -0.29 17.04 -8.59
C SER B 235 -0.44 17.06 -10.10
N ILE B 236 -1.48 16.40 -10.55
CA ILE B 236 -1.87 16.31 -11.99
C ILE B 236 -3.33 16.73 -12.07
N GLU B 237 -3.63 17.79 -12.84
CA GLU B 237 -5.00 18.34 -13.02
C GLU B 237 -5.43 18.07 -14.45
N GLN B 238 -6.51 17.34 -14.67
CA GLN B 238 -7.12 17.11 -16.00
C GLN B 238 -8.14 18.21 -16.26
N GLN B 239 -8.04 18.87 -17.39
CA GLN B 239 -9.05 19.84 -17.90
C GLN B 239 -9.67 19.25 -19.17
N ASP B 240 -10.72 19.88 -19.70
CA ASP B 240 -11.33 19.46 -20.99
C ASP B 240 -10.26 19.50 -22.07
N SER B 241 -9.40 20.51 -22.04
CA SER B 241 -8.47 20.87 -23.14
C SER B 241 -7.05 20.35 -22.91
N GLY B 242 -6.73 19.80 -21.73
CA GLY B 242 -5.33 19.39 -21.49
C GLY B 242 -5.09 19.06 -20.04
N VAL B 243 -3.83 19.04 -19.66
CA VAL B 243 -3.40 18.61 -18.30
C VAL B 243 -2.44 19.63 -17.76
N VAL B 244 -2.49 19.83 -16.46
CA VAL B 244 -1.51 20.67 -15.76
C VAL B 244 -0.77 19.78 -14.79
N VAL B 245 0.55 19.70 -14.92
CA VAL B 245 1.42 18.85 -14.07
C VAL B 245 2.21 19.78 -13.16
N SER B 246 2.16 19.60 -11.84
CA SER B 246 2.78 20.56 -10.93
C SER B 246 3.84 19.86 -10.10
N SER B 247 4.87 20.61 -9.74
CA SER B 247 5.87 20.23 -8.72
C SER B 247 5.92 21.38 -7.75
N GLY B 248 5.15 21.32 -6.67
CA GLY B 248 5.00 22.51 -5.80
C GLY B 248 4.29 23.60 -6.57
N ASP B 249 4.96 24.73 -6.74
CA ASP B 249 4.46 25.92 -7.47
C ASP B 249 4.91 25.92 -8.93
N ARG B 250 5.77 25.00 -9.32
CA ARG B 250 6.22 24.84 -10.73
C ARG B 250 5.12 24.12 -11.51
N ARG B 251 4.77 24.63 -12.69
CA ARG B 251 3.63 24.10 -13.49
C ARG B 251 4.12 23.86 -14.91
N LEU B 252 3.72 22.75 -15.52
CA LEU B 252 3.87 22.49 -16.97
C LEU B 252 2.52 22.08 -17.51
N THR B 253 2.17 22.60 -18.70
CA THR B 253 0.88 22.24 -19.31
C THR B 253 1.12 21.49 -20.61
N ALA B 254 0.23 20.56 -20.90
CA ALA B 254 0.34 19.72 -22.10
C ALA B 254 -1.04 19.22 -22.49
N LYS B 255 -1.12 18.53 -23.63
CA LYS B 255 -2.37 17.91 -24.08
C LYS B 255 -2.56 16.56 -23.39
N TYR B 256 -1.46 15.84 -23.18
CA TYR B 256 -1.48 14.46 -22.62
C TYR B 256 -0.33 14.29 -21.64
N VAL B 257 -0.54 13.38 -20.71
CA VAL B 257 0.48 12.98 -19.73
C VAL B 257 0.69 11.47 -19.84
N ILE B 258 1.95 11.02 -19.83
CA ILE B 258 2.30 9.60 -19.65
C ILE B 258 2.85 9.44 -18.24
N LEU B 259 2.20 8.62 -17.44
CA LEU B 259 2.60 8.34 -16.05
C LEU B 259 3.50 7.10 -16.14
N ALA B 260 4.81 7.30 -16.05
CA ALA B 260 5.80 6.22 -16.22
C ALA B 260 6.46 5.89 -14.90
N THR B 261 5.61 5.64 -13.89
CA THR B 261 6.05 5.32 -12.52
C THR B 261 5.30 4.08 -12.08
N PRO B 262 5.81 3.37 -11.06
CA PRO B 262 5.06 2.30 -10.47
C PRO B 262 3.75 2.83 -9.88
N PRO B 263 2.71 2.00 -9.81
CA PRO B 263 1.44 2.44 -9.24
C PRO B 263 1.61 3.04 -7.84
N SER B 264 2.45 2.42 -6.99
CA SER B 264 2.63 2.93 -5.63
C SER B 264 3.27 4.33 -5.65
N ASP B 265 4.19 4.62 -6.52
CA ASP B 265 4.77 6.00 -6.60
C ASP B 265 3.77 6.97 -7.22
N ALA B 266 2.86 6.53 -8.07
CA ALA B 266 1.78 7.37 -8.61
C ALA B 266 0.82 7.76 -7.49
N SER B 267 0.66 6.93 -6.47
CA SER B 267 -0.26 7.25 -5.37
C SER B 267 0.19 8.50 -4.64
N ARG B 268 1.47 8.85 -4.62
CA ARG B 268 1.97 10.06 -3.93
C ARG B 268 1.36 11.27 -4.60
N MET B 269 1.12 11.25 -5.90
CA MET B 269 0.66 12.43 -6.63
C MET B 269 -0.83 12.65 -6.33
N ILE B 270 -1.26 13.91 -6.25
CA ILE B 270 -2.68 14.26 -6.09
C ILE B 270 -3.30 14.44 -7.47
N PHE B 271 -4.38 13.74 -7.74
CA PHE B 271 -5.12 13.83 -9.02
C PHE B 271 -6.36 14.68 -8.79
N ASP B 272 -6.55 15.71 -9.62
CA ASP B 272 -7.90 16.29 -9.84
C ASP B 272 -8.31 16.33 -11.32
N GLN B 273 -9.38 15.62 -11.70
CA GLN B 273 -10.30 14.94 -10.82
C GLN B 273 -9.71 13.60 -10.40
N PRO B 274 -10.28 12.98 -9.36
CA PRO B 274 -9.86 11.66 -8.90
C PRO B 274 -9.82 10.69 -10.08
N LEU B 275 -8.81 9.84 -10.07
CA LEU B 275 -8.73 8.70 -11.03
C LEU B 275 -9.89 7.73 -10.85
N PRO B 276 -10.16 6.91 -11.89
CA PRO B 276 -11.15 5.85 -11.75
C PRO B 276 -10.91 5.01 -10.48
N ALA B 277 -11.98 4.57 -9.82
CA ALA B 277 -11.85 3.86 -8.53
C ALA B 277 -10.86 2.66 -8.61
N LYS B 278 -10.91 1.85 -9.66
CA LYS B 278 -10.03 0.66 -9.72
C LYS B 278 -8.57 1.13 -9.75
N ARG B 279 -8.25 2.18 -10.49
CA ARG B 279 -6.88 2.69 -10.60
C ARG B 279 -6.44 3.29 -9.27
N ALA B 280 -7.27 4.07 -8.61
CA ALA B 280 -6.89 4.66 -7.31
C ALA B 280 -6.62 3.55 -6.28
N GLN B 281 -7.43 2.48 -6.26
CA GLN B 281 -7.18 1.36 -5.35
C GLN B 281 -5.88 0.63 -5.76
N LEU B 282 -5.67 0.40 -7.05
CA LEU B 282 -4.44 -0.25 -7.51
C LEU B 282 -3.22 0.52 -6.99
N GLN B 283 -3.21 1.82 -7.18
CA GLN B 283 -2.06 2.65 -6.77
C GLN B 283 -1.86 2.57 -5.26
N ALA B 284 -2.92 2.56 -4.47
CA ALA B 284 -2.78 2.53 -3.01
C ALA B 284 -2.35 1.17 -2.46
N ARG B 285 -2.64 0.11 -3.20
CA ARG B 285 -2.62 -1.24 -2.59
C ARG B 285 -1.64 -2.15 -3.28
N ALA B 286 -0.97 -1.76 -4.35
CA ALA B 286 0.04 -2.59 -4.99
C ALA B 286 1.41 -2.04 -4.61
N PRO B 287 2.02 -2.53 -3.54
CA PRO B 287 3.29 -1.98 -3.07
C PRO B 287 4.46 -2.54 -3.86
N MET B 288 5.63 -1.98 -3.61
CA MET B 288 6.87 -2.56 -4.12
C MET B 288 7.47 -3.53 -3.14
N GLY B 289 8.15 -4.51 -3.71
CA GLY B 289 8.93 -5.43 -2.88
C GLY B 289 10.11 -4.74 -2.24
N ARG B 290 10.92 -5.54 -1.55
CA ARG B 290 12.16 -5.01 -0.92
C ARG B 290 13.30 -5.89 -1.36
N LEU B 291 14.38 -5.27 -1.80
CA LEU B 291 15.57 -6.00 -2.28
C LEU B 291 16.80 -5.17 -2.02
N ALA B 292 17.88 -5.89 -1.76
CA ALA B 292 19.23 -5.31 -1.74
C ALA B 292 20.10 -6.08 -2.73
N LYS B 293 21.00 -5.35 -3.39
CA LYS B 293 21.98 -5.91 -4.34
C LYS B 293 23.36 -5.68 -3.73
N ILE B 294 24.07 -6.76 -3.43
CA ILE B 294 25.41 -6.73 -2.75
C ILE B 294 26.44 -7.22 -3.75
N GLN B 295 27.53 -6.47 -3.89
CA GLN B 295 28.54 -6.78 -4.92
C GLN B 295 29.92 -6.78 -4.24
N VAL B 296 30.66 -7.83 -4.53
CA VAL B 296 32.05 -8.01 -4.03
C VAL B 296 32.94 -8.18 -5.24
N ARG B 297 34.15 -7.61 -5.19
CA ARG B 297 35.11 -7.87 -6.26
C ARG B 297 36.41 -8.46 -5.69
N TYR B 298 37.01 -9.28 -6.56
CA TYR B 298 38.19 -10.12 -6.26
C TYR B 298 39.19 -9.92 -7.38
N ARG B 299 40.45 -10.29 -7.13
CA ARG B 299 41.49 -10.16 -8.16
C ARG B 299 41.21 -11.09 -9.32
N ASP B 300 40.64 -12.26 -9.07
CA ASP B 300 40.26 -13.14 -10.20
C ASP B 300 39.08 -14.02 -9.81
N ALA B 301 38.52 -14.66 -10.83
CA ALA B 301 37.35 -15.53 -10.71
C ALA B 301 37.80 -16.93 -10.24
N PHE B 302 38.23 -17.02 -9.00
CA PHE B 302 38.92 -18.21 -8.42
C PHE B 302 37.97 -19.41 -8.39
N TRP B 303 36.67 -19.16 -8.30
CA TRP B 303 35.67 -20.25 -8.24
C TRP B 303 35.72 -21.11 -9.50
N GLN B 304 36.23 -20.55 -10.61
CA GLN B 304 36.34 -21.29 -11.88
C GLN B 304 37.37 -22.41 -11.74
N GLU B 305 38.30 -22.31 -10.80
CA GLU B 305 39.30 -23.38 -10.56
C GLU B 305 38.61 -24.64 -10.01
N GLU B 306 37.46 -24.51 -9.34
CA GLU B 306 36.67 -25.62 -8.73
C GLU B 306 35.53 -26.01 -9.70
N ASN B 307 35.51 -25.50 -10.95
CA ASN B 307 34.43 -25.74 -11.92
C ASN B 307 33.08 -25.29 -11.33
N LEU B 308 33.11 -24.20 -10.54
CA LEU B 308 31.86 -23.52 -10.06
C LEU B 308 31.54 -22.35 -10.97
N SER B 309 30.28 -22.21 -11.39
CA SER B 309 29.81 -21.04 -12.16
C SER B 309 29.84 -19.78 -11.29
N GLY B 310 29.73 -19.93 -9.97
CA GLY B 310 29.46 -18.80 -9.05
C GLY B 310 27.97 -18.59 -8.84
N ALA B 311 27.10 -19.21 -9.63
CA ALA B 311 25.64 -19.06 -9.48
C ALA B 311 25.17 -19.99 -8.35
N ALA B 312 24.37 -19.48 -7.44
CA ALA B 312 23.89 -20.25 -6.28
C ALA B 312 22.50 -19.80 -5.85
N PHE B 313 21.66 -20.78 -5.53
CA PHE B 313 20.37 -20.58 -4.82
C PHE B 313 20.71 -20.87 -3.37
N VAL B 314 20.83 -19.87 -2.54
CA VAL B 314 21.19 -20.00 -1.11
C VAL B 314 19.90 -19.89 -0.32
N CYS B 315 19.44 -21.00 0.25
CA CYS B 315 18.11 -21.10 0.88
C CYS B 315 18.22 -21.20 2.39
N GLY B 316 17.19 -20.76 3.07
CA GLY B 316 17.13 -20.85 4.54
C GLY B 316 16.70 -19.56 5.16
N ASP B 317 17.11 -19.31 6.39
CA ASP B 317 16.68 -18.11 7.16
C ASP B 317 17.26 -16.83 6.55
N LEU B 318 18.46 -16.91 5.97
CA LEU B 318 19.07 -15.78 5.25
C LEU B 318 19.37 -16.23 3.83
N ALA B 319 18.44 -16.04 2.93
CA ALA B 319 18.45 -16.60 1.57
C ALA B 319 18.95 -15.55 0.57
N PHE B 320 19.74 -15.99 -0.37
CA PHE B 320 20.29 -15.13 -1.45
C PHE B 320 20.22 -15.84 -2.78
N TRP B 321 20.20 -15.06 -3.84
CA TRP B 321 20.46 -15.52 -5.22
C TRP B 321 21.80 -14.91 -5.61
N VAL B 322 22.75 -15.77 -5.96
CA VAL B 322 24.14 -15.32 -6.20
C VAL B 322 24.53 -15.63 -7.63
N PHE B 323 25.28 -14.72 -8.25
CA PHE B 323 25.79 -14.82 -9.65
C PHE B 323 27.24 -14.38 -9.72
N ASP B 324 27.91 -14.88 -10.76
CA ASP B 324 29.17 -14.25 -11.23
C ASP B 324 28.79 -13.09 -12.14
N GLY B 325 29.10 -11.87 -11.74
CA GLY B 325 28.77 -10.65 -12.52
C GLY B 325 29.97 -10.13 -13.30
N SER B 326 30.96 -10.96 -13.56
CA SER B 326 32.22 -10.45 -14.18
C SER B 326 32.02 -10.26 -15.68
N LYS B 327 32.51 -9.15 -16.21
CA LYS B 327 32.67 -8.98 -17.68
C LYS B 327 34.12 -9.27 -18.06
N PRO B 328 34.33 -9.83 -19.27
CA PRO B 328 35.69 -10.13 -19.73
C PRO B 328 36.54 -8.85 -19.75
N SER B 329 35.95 -7.67 -19.99
CA SER B 329 36.75 -6.41 -20.10
C SER B 329 36.91 -5.73 -18.73
N ASP B 330 36.37 -6.29 -17.63
CA ASP B 330 36.57 -5.72 -16.28
C ASP B 330 38.00 -6.03 -15.80
N SER B 331 38.52 -5.27 -14.84
CA SER B 331 39.89 -5.45 -14.28
C SER B 331 39.88 -6.43 -13.11
N LEU B 332 38.70 -6.68 -12.51
CA LEU B 332 38.50 -7.53 -11.33
C LEU B 332 37.34 -8.45 -11.65
N ALA B 333 37.19 -9.52 -10.91
CA ALA B 333 36.01 -10.41 -10.95
C ALA B 333 35.00 -9.97 -9.89
N THR B 334 33.71 -10.17 -10.21
CA THR B 334 32.53 -9.71 -9.41
C THR B 334 31.62 -10.87 -9.04
N ILE B 335 31.27 -10.95 -7.77
CA ILE B 335 30.12 -11.76 -7.29
C ILE B 335 29.00 -10.78 -6.92
N VAL B 336 27.79 -11.11 -7.42
CA VAL B 336 26.57 -10.33 -7.12
C VAL B 336 25.63 -11.20 -6.29
N GLY B 337 25.14 -10.68 -5.20
CA GLY B 337 24.16 -11.35 -4.36
C GLY B 337 22.93 -10.48 -4.22
N PHE B 338 21.78 -11.09 -4.27
CA PHE B 338 20.49 -10.44 -3.99
C PHE B 338 19.85 -11.05 -2.74
N ILE B 339 19.26 -10.20 -1.91
CA ILE B 339 18.49 -10.61 -0.72
C ILE B 339 17.22 -9.74 -0.70
N GLY B 340 16.07 -10.35 -0.48
CA GLY B 340 14.78 -9.68 -0.57
C GLY B 340 13.80 -10.13 0.46
N GLY B 341 12.67 -9.44 0.51
CA GLY B 341 11.51 -9.93 1.29
C GLY B 341 11.83 -10.19 2.74
N LYS B 342 11.39 -11.32 3.25
CA LYS B 342 11.56 -11.63 4.69
C LYS B 342 13.04 -11.81 5.03
N HIS B 343 13.87 -12.18 4.06
CA HIS B 343 15.31 -12.38 4.33
C HIS B 343 15.94 -11.00 4.52
N LEU B 344 15.57 -10.02 3.69
CA LEU B 344 16.02 -8.64 3.85
C LEU B 344 15.50 -8.03 5.16
N ASP B 345 14.30 -8.40 5.59
CA ASP B 345 13.78 -7.96 6.90
C ASP B 345 14.78 -8.39 8.00
N LEU B 346 15.25 -9.62 7.98
CA LEU B 346 16.27 -10.10 8.95
C LEU B 346 17.57 -9.33 8.74
N TRP B 347 17.99 -9.14 7.50
CA TRP B 347 19.24 -8.44 7.19
C TRP B 347 19.22 -7.03 7.78
N HIS B 348 18.09 -6.38 7.69
CA HIS B 348 17.89 -5.00 8.20
C HIS B 348 18.07 -4.91 9.72
N SER B 349 17.91 -6.01 10.44
CA SER B 349 18.09 -6.07 11.91
C SER B 349 19.59 -6.09 12.25
N PHE B 350 20.47 -6.36 11.30
CA PHE B 350 21.93 -6.41 11.53
C PHE B 350 22.59 -5.04 11.35
N THR B 351 23.76 -4.84 11.98
CA THR B 351 24.61 -3.67 11.72
C THR B 351 25.26 -3.82 10.35
N PRO B 352 25.75 -2.73 9.74
CA PRO B 352 26.49 -2.83 8.48
C PRO B 352 27.71 -3.78 8.54
N GLU B 353 28.47 -3.76 9.64
CA GLU B 353 29.63 -4.67 9.82
C GLU B 353 29.13 -6.12 9.92
N GLU B 354 28.02 -6.39 10.64
CA GLU B 354 27.46 -7.76 10.73
C GLU B 354 27.01 -8.21 9.33
N ARG B 355 26.41 -7.32 8.54
CA ARG B 355 25.91 -7.71 7.19
C ARG B 355 27.09 -8.13 6.34
N GLU B 356 28.15 -7.32 6.29
CA GLU B 356 29.31 -7.63 5.43
C GLU B 356 29.94 -8.96 5.91
N ALA B 357 30.10 -9.16 7.21
CA ALA B 357 30.63 -10.43 7.76
C ALA B 357 29.71 -11.62 7.40
N ARG B 358 28.38 -11.47 7.50
CA ARG B 358 27.45 -12.58 7.17
C ARG B 358 27.51 -12.88 5.67
N PHE B 359 27.62 -11.85 4.83
CA PHE B 359 27.66 -12.04 3.36
C PHE B 359 28.90 -12.83 3.00
N ILE B 360 30.04 -12.42 3.54
CA ILE B 360 31.35 -13.09 3.26
C ILE B 360 31.36 -14.52 3.82
N ASP B 361 30.76 -14.77 4.98
CA ASP B 361 30.57 -16.16 5.52
C ASP B 361 29.75 -16.98 4.53
N MET B 362 28.68 -16.41 4.02
CA MET B 362 27.81 -17.11 3.06
C MET B 362 28.66 -17.46 1.83
N LEU B 363 29.45 -16.51 1.32
CA LEU B 363 30.23 -16.79 0.10
C LEU B 363 31.28 -17.87 0.38
N VAL B 364 31.83 -17.87 1.57
CA VAL B 364 32.89 -18.88 1.90
C VAL B 364 32.26 -20.27 1.76
N THR B 365 31.02 -20.48 2.20
CA THR B 365 30.34 -21.78 1.96
C THR B 365 30.23 -22.11 0.47
N ASN B 366 29.96 -21.10 -0.37
CA ASN B 366 29.70 -21.30 -1.80
C ASN B 366 30.99 -21.51 -2.59
N ILE B 367 32.04 -20.73 -2.32
CA ILE B 367 33.21 -20.62 -3.25
C ILE B 367 34.53 -20.76 -2.47
N GLY B 368 34.48 -20.96 -1.16
CA GLY B 368 35.65 -21.28 -0.32
C GLY B 368 36.31 -20.05 0.30
N GLU B 369 37.45 -20.26 0.97
CA GLU B 369 38.04 -19.25 1.89
C GLU B 369 38.62 -18.05 1.11
N LYS B 370 38.95 -18.18 -0.17
CA LYS B 370 39.41 -17.02 -0.97
C LYS B 370 38.31 -15.94 -1.00
N ALA B 371 37.06 -16.29 -0.70
CA ALA B 371 36.00 -15.24 -0.68
C ALA B 371 36.26 -14.18 0.39
N ARG B 372 37.13 -14.45 1.38
CA ARG B 372 37.44 -13.43 2.38
C ARG B 372 38.38 -12.36 1.80
N ASP B 373 39.08 -12.63 0.71
CA ASP B 373 40.16 -11.72 0.19
C ASP B 373 39.51 -10.67 -0.74
N THR B 374 38.55 -9.89 -0.23
CA THR B 374 37.76 -8.95 -1.07
C THR B 374 38.63 -7.73 -1.39
N VAL B 375 38.45 -7.17 -2.57
CA VAL B 375 39.08 -5.88 -2.99
C VAL B 375 38.06 -4.75 -2.87
N TYR B 376 36.77 -5.07 -2.95
CA TYR B 376 35.69 -4.07 -2.98
C TYR B 376 34.43 -4.78 -2.50
N TYR B 377 33.64 -4.01 -1.78
CA TYR B 377 32.36 -4.50 -1.21
C TYR B 377 31.39 -3.34 -1.23
N HIS B 378 30.18 -3.58 -1.73
CA HIS B 378 29.16 -2.51 -1.82
C HIS B 378 27.77 -3.12 -1.70
N GLU B 379 26.90 -2.43 -0.99
CA GLU B 379 25.46 -2.77 -0.92
C GLU B 379 24.63 -1.61 -1.46
N THR B 380 23.66 -1.89 -2.32
CA THR B 380 22.61 -0.94 -2.68
C THR B 380 21.31 -1.47 -2.10
N ASP B 381 20.77 -0.74 -1.15
CA ASP B 381 19.50 -1.10 -0.49
C ASP B 381 18.38 -0.36 -1.22
N TRP B 382 17.57 -1.08 -1.96
CA TRP B 382 16.51 -0.44 -2.77
C TRP B 382 15.27 -0.17 -1.93
N THR B 383 15.32 -0.22 -0.63
CA THR B 383 14.27 0.37 0.21
C THR B 383 14.63 1.77 0.70
N GLU B 384 15.82 2.27 0.37
CA GLU B 384 16.29 3.57 0.92
C GLU B 384 16.49 4.60 -0.18
N GLN B 385 15.88 4.44 -1.33
CA GLN B 385 16.08 5.36 -2.47
C GLN B 385 14.85 6.27 -2.58
N PRO B 386 15.02 7.60 -2.56
CA PRO B 386 13.84 8.46 -2.59
C PRO B 386 13.06 8.39 -3.90
N TRP B 387 11.74 8.37 -3.77
CA TRP B 387 10.74 8.30 -4.88
C TRP B 387 10.80 6.96 -5.63
N THR B 388 11.46 5.97 -5.06
CA THR B 388 11.34 4.55 -5.49
C THR B 388 10.86 3.76 -4.28
N GLY B 389 9.74 3.14 -4.43
CA GLY B 389 9.13 2.46 -3.26
C GLY B 389 9.92 1.21 -2.84
N GLY B 390 10.64 0.57 -3.76
CA GLY B 390 11.28 -0.72 -3.46
C GLY B 390 11.75 -1.35 -4.74
N ALA B 391 11.90 -2.65 -4.73
CA ALA B 391 12.53 -3.43 -5.80
C ALA B 391 12.26 -4.88 -5.57
N PRO B 392 12.42 -5.73 -6.61
CA PRO B 392 12.71 -5.30 -7.97
C PRO B 392 11.45 -4.81 -8.68
N VAL B 393 10.31 -5.19 -8.13
CA VAL B 393 8.99 -5.07 -8.80
C VAL B 393 7.92 -4.66 -7.80
N THR B 394 6.81 -4.23 -8.35
CA THR B 394 5.50 -4.15 -7.71
C THR B 394 4.99 -5.58 -7.44
N PHE B 395 4.37 -5.79 -6.29
CA PHE B 395 3.61 -7.04 -6.06
C PHE B 395 2.20 -6.65 -5.61
N MET B 396 1.32 -7.64 -5.49
CA MET B 396 -0.06 -7.45 -5.01
C MET B 396 -0.41 -8.45 -3.93
N PRO B 397 -1.08 -7.98 -2.87
CA PRO B 397 -1.61 -8.87 -1.84
C PRO B 397 -2.95 -9.43 -2.26
N THR B 398 -3.50 -10.31 -1.43
CA THR B 398 -4.80 -10.93 -1.74
C THR B 398 -5.88 -9.90 -2.05
N GLY B 399 -6.68 -10.25 -3.05
CA GLY B 399 -7.86 -9.51 -3.44
C GLY B 399 -7.67 -8.42 -4.50
N LEU B 400 -6.45 -7.99 -4.77
CA LEU B 400 -6.26 -6.79 -5.61
C LEU B 400 -6.31 -7.11 -7.10
N LEU B 401 -5.61 -8.11 -7.56
CA LEU B 401 -5.56 -8.40 -9.00
C LEU B 401 -6.96 -8.68 -9.53
N SER B 402 -7.75 -9.44 -8.78
CA SER B 402 -9.12 -9.85 -9.21
C SER B 402 -10.09 -8.66 -9.16
N SER B 403 -9.85 -7.64 -8.36
CA SER B 403 -10.77 -6.49 -8.25
C SER B 403 -10.33 -5.32 -9.09
N SER B 404 -9.05 -5.12 -9.28
CA SER B 404 -8.48 -3.87 -9.80
C SER B 404 -7.42 -4.08 -10.86
N GLY B 405 -7.07 -5.33 -11.19
CA GLY B 405 -5.95 -5.56 -12.11
C GLY B 405 -6.06 -4.91 -13.46
N SER B 406 -7.27 -4.71 -13.98
CA SER B 406 -7.44 -4.15 -15.33
C SER B 406 -6.86 -2.73 -15.38
N ALA B 407 -6.79 -2.05 -14.25
CA ALA B 407 -6.30 -0.66 -14.19
C ALA B 407 -4.75 -0.62 -14.27
N LEU B 408 -4.06 -1.75 -14.38
CA LEU B 408 -2.59 -1.74 -14.68
C LEU B 408 -2.31 -1.14 -16.05
N ARG B 409 -3.26 -1.20 -16.98
CA ARG B 409 -2.96 -0.82 -18.39
C ARG B 409 -3.91 0.26 -18.88
N GLY B 410 -3.51 0.91 -19.96
CA GLY B 410 -4.42 1.80 -20.69
C GLY B 410 -4.27 3.23 -20.27
N SER B 411 -5.38 3.87 -20.00
CA SER B 411 -5.46 5.33 -19.82
C SER B 411 -6.70 5.69 -19.03
N ALA B 412 -6.66 6.90 -18.49
CA ALA B 412 -7.81 7.55 -17.85
C ALA B 412 -7.86 8.97 -18.41
N GLY B 413 -8.72 9.19 -19.41
CA GLY B 413 -8.78 10.52 -20.02
C GLY B 413 -7.50 10.82 -20.77
N ARG B 414 -6.85 11.90 -20.39
CA ARG B 414 -5.62 12.38 -21.01
C ARG B 414 -4.39 11.81 -20.28
N ILE B 415 -4.57 10.94 -19.29
CA ILE B 415 -3.43 10.32 -18.56
C ILE B 415 -3.25 8.90 -19.05
N TYR B 416 -2.09 8.60 -19.62
CA TYR B 416 -1.79 7.25 -20.16
C TYR B 416 -0.83 6.57 -19.19
N PHE B 417 -1.14 5.33 -18.85
CA PHE B 417 -0.35 4.54 -17.88
C PHE B 417 0.75 3.79 -18.60
N ALA B 418 1.98 4.14 -18.27
CA ALA B 418 3.16 3.39 -18.68
C ALA B 418 3.84 2.88 -17.41
N GLY B 419 5.17 2.72 -17.44
CA GLY B 419 5.85 1.94 -16.40
C GLY B 419 5.74 0.46 -16.71
N THR B 420 6.69 -0.32 -16.23
CA THR B 420 6.74 -1.75 -16.56
C THR B 420 5.45 -2.49 -16.12
N GLU B 421 4.78 -2.07 -15.07
CA GLU B 421 3.58 -2.76 -14.58
C GLU B 421 2.44 -2.70 -15.60
N ALA B 422 2.53 -1.80 -16.57
CA ALA B 422 1.49 -1.63 -17.61
C ALA B 422 1.79 -2.54 -18.82
N ALA B 423 2.91 -3.25 -18.84
CA ALA B 423 3.29 -4.01 -20.05
C ALA B 423 2.48 -5.28 -20.15
N PRO B 424 1.96 -5.66 -21.34
CA PRO B 424 1.25 -6.93 -21.43
C PRO B 424 2.05 -8.19 -21.14
N MET B 425 3.33 -8.16 -21.44
CA MET B 425 4.31 -9.19 -21.06
C MET B 425 5.60 -8.53 -20.57
N TRP B 426 6.31 -9.23 -19.74
CA TRP B 426 7.60 -8.77 -19.21
C TRP B 426 7.42 -7.60 -18.26
N SER B 427 6.22 -7.46 -17.70
CA SER B 427 6.02 -6.57 -16.53
C SER B 427 7.00 -6.95 -15.42
N GLY B 428 7.65 -5.96 -14.83
CA GLY B 428 8.66 -6.17 -13.79
C GLY B 428 10.05 -6.02 -14.32
N TYR B 429 10.23 -6.06 -15.64
CA TYR B 429 11.55 -6.10 -16.28
C TYR B 429 11.72 -4.84 -17.12
N ILE B 430 12.94 -4.54 -17.53
CA ILE B 430 13.25 -3.39 -18.40
C ILE B 430 12.49 -3.59 -19.71
N GLU B 431 12.46 -4.80 -20.23
CA GLU B 431 11.72 -5.04 -21.49
C GLU B 431 10.26 -4.62 -21.36
N GLY B 432 9.64 -4.85 -20.19
CA GLY B 432 8.26 -4.40 -19.95
C GLY B 432 8.16 -2.90 -19.88
N ALA B 433 9.14 -2.24 -19.26
CA ALA B 433 9.16 -0.77 -19.21
C ALA B 433 9.13 -0.24 -20.64
N LEU B 434 9.95 -0.82 -21.51
CA LEU B 434 10.04 -0.29 -22.89
C LEU B 434 8.69 -0.56 -23.58
N ARG B 435 8.15 -1.77 -23.46
CA ARG B 435 6.88 -2.12 -24.09
C ARG B 435 5.77 -1.18 -23.65
N ALA B 436 5.67 -0.90 -22.36
CA ALA B 436 4.61 0.00 -21.84
C ALA B 436 4.81 1.43 -22.33
N GLY B 437 6.07 1.89 -22.41
CA GLY B 437 6.36 3.23 -22.94
C GLY B 437 5.92 3.34 -24.41
N LYS B 438 6.28 2.33 -25.17
CA LYS B 438 5.94 2.28 -26.60
C LYS B 438 4.43 2.29 -26.80
N ILE B 439 3.69 1.56 -25.96
CA ILE B 439 2.21 1.55 -26.11
C ILE B 439 1.65 2.94 -25.81
N ALA B 440 2.08 3.59 -24.74
CA ALA B 440 1.54 4.91 -24.41
C ALA B 440 1.93 5.92 -25.48
N ALA B 441 3.19 5.91 -25.93
CA ALA B 441 3.62 6.91 -26.93
C ALA B 441 2.84 6.67 -28.23
N THR B 442 2.71 5.43 -28.65
CA THR B 442 2.00 5.02 -29.90
C THR B 442 0.55 5.49 -29.84
N ASP B 443 -0.14 5.30 -28.72
CA ASP B 443 -1.55 5.72 -28.62
C ASP B 443 -1.67 7.25 -28.60
N ILE B 444 -0.77 7.97 -27.94
CA ILE B 444 -0.81 9.45 -27.95
C ILE B 444 -0.48 9.96 -29.36
N ILE B 445 0.47 9.37 -30.06
CA ILE B 445 0.83 9.86 -31.43
C ILE B 445 -0.45 9.73 -32.29
N ALA B 446 -1.24 8.67 -32.15
CA ALA B 446 -2.50 8.49 -32.91
C ALA B 446 -3.50 9.58 -32.51
N ARG B 447 -3.63 9.92 -31.23
CA ARG B 447 -4.57 10.98 -30.77
C ARG B 447 -4.14 12.36 -31.26
N LEU B 448 -2.84 12.62 -31.40
CA LEU B 448 -2.35 13.92 -31.91
C LEU B 448 -2.59 13.93 -33.43
PA FAD C . -7.21 12.04 10.21
O1A FAD C . -7.12 11.15 9.00
O2A FAD C . -8.53 12.47 10.68
O5B FAD C . -6.34 13.35 9.98
C5B FAD C . -5.07 13.30 9.31
C4B FAD C . -4.82 14.66 8.71
O4B FAD C . -3.50 14.66 8.11
C3B FAD C . -5.82 15.11 7.64
O3B FAD C . -6.45 16.40 7.92
C2B FAD C . -4.95 15.14 6.38
O2B FAD C . -5.36 16.03 5.35
C1B FAD C . -3.59 15.46 6.97
N9A FAD C . -2.47 15.15 6.11
C8A FAD C . -2.26 14.01 5.37
N7A FAD C . -1.19 14.06 4.64
C5A FAD C . -0.62 15.30 4.93
C6A FAD C . 0.56 15.93 4.45
N6A FAD C . 1.37 15.42 3.52
N1A FAD C . 0.80 17.18 4.92
C2A FAD C . -0.07 17.70 5.79
N3A FAD C . -1.19 17.19 6.30
C4A FAD C . -1.42 15.96 5.81
N1 FAD C . -14.39 7.52 14.42
C2 FAD C . -15.14 7.72 15.56
O2 FAD C . -14.59 7.78 16.70
N3 FAD C . -16.51 7.70 15.51
C4 FAD C . -17.22 7.42 14.35
O4 FAD C . -18.44 7.44 14.38
C4X FAD C . -16.48 7.36 13.16
N5 FAD C . -17.08 7.15 11.99
C5X FAD C . -16.35 7.42 10.86
C6 FAD C . -17.02 7.52 9.62
C7 FAD C . -16.40 7.99 8.49
C7M FAD C . -17.18 8.16 7.21
C8 FAD C . -15.05 8.27 8.56
C8M FAD C . -14.29 8.84 7.38
C9 FAD C . -14.33 7.97 9.70
C9A FAD C . -14.98 7.63 10.89
N10 FAD C . -14.32 7.47 12.12
C10 FAD C . -15.04 7.46 13.29
C1' FAD C . -12.86 7.52 12.19
C2' FAD C . -12.29 8.82 12.62
O2' FAD C . -12.77 9.81 11.71
C3' FAD C . -10.76 8.79 12.54
O3' FAD C . -10.28 7.75 13.43
C4' FAD C . -10.08 10.05 13.03
O4' FAD C . -10.51 11.20 12.29
C5' FAD C . -8.58 9.91 12.94
O5' FAD C . -7.95 11.12 13.33
P FAD C . -6.46 11.39 12.98
O1P FAD C . -6.16 12.79 13.43
O2P FAD C . -5.61 10.28 13.47
O3P FAD C . -6.38 11.28 11.36
PA FAD D . 11.42 2.85 -12.75
O1A FAD D . 11.03 2.52 -11.35
O2A FAD D . 12.73 2.37 -13.23
O5B FAD D . 11.38 4.43 -12.95
C5B FAD D . 10.31 5.21 -12.42
C4B FAD D . 10.85 6.62 -12.32
O4B FAD D . 9.75 7.48 -11.87
C3B FAD D . 12.02 6.83 -11.33
O3B FAD D . 13.12 7.45 -11.98
C2B FAD D . 11.35 7.68 -10.24
O2B FAD D . 12.29 8.47 -9.56
C1B FAD D . 10.32 8.46 -11.02
N9A FAD D . 9.30 9.03 -10.20
C8A FAD D . 8.62 8.45 -9.15
N7A FAD D . 7.75 9.24 -8.60
C5A FAD D . 7.86 10.45 -9.29
C6A FAD D . 7.20 11.70 -9.14
N6A FAD D . 6.31 11.96 -8.17
N1A FAD D . 7.56 12.68 -10.01
C2A FAD D . 8.46 12.40 -10.97
N3A FAD D . 9.19 11.29 -11.15
C4A FAD D . 8.80 10.33 -10.28
N1 FAD D . 14.92 -5.75 -14.70
C2 FAD D . 15.53 -6.33 -15.78
O2 FAD D . 15.04 -6.30 -16.90
N3 FAD D . 16.73 -7.02 -15.61
C4 FAD D . 17.30 -7.21 -14.37
O4 FAD D . 18.36 -7.83 -14.29
C4X FAD D . 16.74 -6.52 -13.28
N5 FAD D . 17.24 -6.65 -12.05
C5X FAD D . 16.88 -5.70 -11.13
C6 FAD D . 17.60 -5.61 -9.92
C7 FAD D . 17.40 -4.56 -9.03
C7M FAD D . 18.28 -4.41 -7.82
C8 FAD D . 16.37 -3.67 -9.29
C8M FAD D . 16.15 -2.46 -8.42
C9 FAD D . 15.54 -3.87 -10.40
C9A FAD D . 15.79 -4.85 -11.37
N10 FAD D . 15.06 -5.04 -12.51
C10 FAD D . 15.54 -5.79 -13.55
C1' FAD D . 13.82 -4.27 -12.72
C2' FAD D . 13.93 -3.08 -13.61
O2' FAD D . 14.95 -2.25 -13.02
C3' FAD D . 12.61 -2.31 -13.67
O3' FAD D . 11.60 -3.18 -14.21
C4' FAD D . 12.66 -1.09 -14.58
O4' FAD D . 13.64 -0.16 -14.12
C5' FAD D . 11.30 -0.45 -14.57
O5' FAD D . 11.35 0.75 -15.33
P FAD D . 10.21 1.84 -15.23
O1P FAD D . 10.61 2.97 -16.07
O2P FAD D . 8.86 1.22 -15.42
O3P FAD D . 10.22 2.26 -13.67
#